data_6LHA
#
_entry.id   6LHA
#
_cell.length_a   1.00
_cell.length_b   1.00
_cell.length_c   1.00
_cell.angle_alpha   90.00
_cell.angle_beta   90.00
_cell.angle_gamma   90.00
#
_symmetry.space_group_name_H-M   'P 1'
#
loop_
_entity.id
_entity.type
_entity.pdbx_description
1 polymer 'VP1 protein'
2 polymer 'VP2 protein'
3 polymer 'VP3 protein'
4 polymer 'VP4 protein'
5 non-polymer SPHINGOSINE
#
loop_
_entity_poly.entity_id
_entity_poly.type
_entity_poly.pdbx_seq_one_letter_code
_entity_poly.pdbx_strand_id
1 'polypeptide(L)'
;GDPIADMIDQTVNNQVNRSLTALQVLPTAANTEASSHRLGTGVVPALQAAETGASSNASDKNLIETRCVLNHHSTQETAI
GNFFSRAGLVSIITMPTTDTQNTDGYVNWDIDLMGYAQLRRKCELFTYMRFDAEFTFVVAKPNGVLVPQLLQYMYVPPGA
PKPTSRDSFAWQTATNPSVFVKMTDPPAQVSVPFMSPASAYQWFYDGYPTFGEHLQANDLDYGQCPNNMMGTFSIRTVGT
EKSPHSITLRVYMRIKHVRAWIPRPLRNQPYLFKTNPNYKGNDIKCTSTSRDKITTL
;
A
2 'polypeptide(L)'
;SPSAEACGYSDRVAQLTIGNSTITTQEAANIVIAYGEWPEYCPDTDATAVDKPTRPDVSVNRFFTLDTKSWAKDSKGWYW
KFPDVLTEVGVFGQNAQFHYLYRSGFCVHVQCNASKFHQGALLVAVLPEYVLGTIAGGTGNENSHPPYATTQPGQVGAVL
THPYVLDAGIPLSQLTVCPHQWINLRTNNCATIIVPYMNTVPFDSALNHCNFGLLVIPVVPLDFNAGATSEIPITVTIAP
MCAEFAGLRQAVKQ
;
B
3 'polypeptide(L)'
;GIPTELKPGTNQFLTTDDGVSAPILPGFHPTPPIHIPGEVHNLLEICRVETILEVNNLKTNETTPMQRLCFPVSVQSKTG
ELCAAFRADPGRDGPWQSTILGQLCRYYTQWSGSLEVTFMFAGSFMATGKMLIAYTPPGGNVPADRITAMLGTHVIWDFG
LQSSVTLVVPWISNTHYRAHARAGYFDYYTTGIITIWYQTNYVVPIGAPTTAYIVALAAAQDNFTMKLCKDTEDIEQTAN
IQ
;
C
4 'polypeptide(L)' MGSQVSTQRSGSHENSNSASEGSTINYTTINYYKDAYAASAGRQDMSQDPKKFTDPVMDVIHEMAPPLK D
#
loop_
_chem_comp.id
_chem_comp.type
_chem_comp.name
_chem_comp.formula
SPH non-polymer SPHINGOSINE 'C18 H37 N O2'
#
# COMPACT_ATOMS: atom_id res chain seq x y z
N ASP A 2 -37.29 34.82 -3.53
CA ASP A 2 -37.09 33.40 -3.29
C ASP A 2 -38.40 32.60 -3.40
N PRO A 3 -38.82 32.30 -4.64
CA PRO A 3 -40.07 31.55 -4.81
C PRO A 3 -39.96 30.10 -4.42
N ILE A 4 -38.78 29.50 -4.56
CA ILE A 4 -38.53 28.13 -4.15
C ILE A 4 -37.64 28.18 -2.91
N ALA A 5 -38.14 27.61 -1.80
CA ALA A 5 -37.35 27.55 -0.58
C ALA A 5 -36.41 26.35 -0.59
N ASP A 6 -36.45 25.55 -1.65
CA ASP A 6 -35.63 24.35 -1.72
C ASP A 6 -34.33 24.60 -2.48
N MET A 7 -34.31 25.62 -3.33
CA MET A 7 -33.19 25.78 -4.24
C MET A 7 -32.09 26.65 -3.64
N ILE A 8 -32.42 27.42 -2.61
CA ILE A 8 -31.44 28.37 -2.07
C ILE A 8 -30.41 27.66 -1.19
N ASP A 9 -30.78 26.51 -0.63
CA ASP A 9 -29.98 25.72 0.32
C ASP A 9 -29.41 26.53 1.48
N ARG A 18 -15.62 19.00 5.26
CA ARG A 18 -14.83 19.27 6.45
C ARG A 18 -13.62 18.34 6.55
N SER A 19 -12.43 18.92 6.52
CA SER A 19 -11.20 18.15 6.64
C SER A 19 -11.03 17.65 8.07
N LEU A 20 -10.36 16.50 8.22
CA LEU A 20 -10.22 15.87 9.52
C LEU A 20 -9.01 16.40 10.28
N THR A 21 -7.82 16.27 9.70
CA THR A 21 -6.58 16.67 10.34
C THR A 21 -5.67 17.34 9.32
N ALA A 22 -5.05 18.45 9.72
CA ALA A 22 -4.12 19.18 8.87
C ALA A 22 -2.70 18.84 9.29
N LEU A 23 -1.78 18.94 8.33
CA LEU A 23 -0.40 18.49 8.56
C LEU A 23 0.39 19.52 9.36
N GLN A 24 1.49 19.07 9.94
CA GLN A 24 2.39 19.91 10.71
C GLN A 24 3.80 19.34 10.63
N VAL A 25 4.78 20.19 10.92
CA VAL A 25 6.17 19.75 10.80
C VAL A 25 6.61 19.07 12.09
N LEU A 26 7.36 17.98 11.93
CA LEU A 26 7.93 17.23 13.04
C LEU A 26 9.40 16.98 12.72
N PRO A 27 10.29 17.83 13.23
CA PRO A 27 11.72 17.61 12.92
C PRO A 27 12.32 16.42 13.64
N THR A 28 12.03 16.27 14.93
CA THR A 28 12.56 15.18 15.72
C THR A 28 11.43 14.25 16.13
N ALA A 29 11.81 13.08 16.65
CA ALA A 29 10.83 12.18 17.23
C ALA A 29 10.30 12.78 18.53
N ALA A 30 9.09 12.38 18.91
CA ALA A 30 8.43 12.98 20.06
C ALA A 30 9.09 12.49 21.35
N ASN A 31 9.14 13.39 22.33
CA ASN A 31 9.79 13.07 23.60
C ASN A 31 8.92 12.14 24.44
N THR A 32 9.45 11.76 25.60
CA THR A 32 8.72 10.96 26.56
C THR A 32 8.64 11.71 27.88
N GLU A 33 7.42 11.95 28.34
CA GLU A 33 7.20 12.66 29.60
C GLU A 33 7.08 11.66 30.74
N ALA A 34 7.39 12.14 31.94
CA ALA A 34 7.39 11.28 33.11
C ALA A 34 5.96 10.99 33.56
N SER A 35 5.82 9.92 34.35
CA SER A 35 4.52 9.51 34.83
C SER A 35 4.69 8.75 36.14
N SER A 36 3.57 8.43 36.76
CA SER A 36 3.55 7.68 38.00
C SER A 36 2.53 6.55 37.89
N HIS A 37 2.31 5.85 39.00
CA HIS A 37 1.27 4.84 39.03
C HIS A 37 -0.10 5.50 39.10
N ARG A 38 -1.13 4.69 38.98
CA ARG A 38 -2.50 5.21 38.93
C ARG A 38 -3.46 4.10 39.33
N LEU A 39 -4.38 4.42 40.24
CA LEU A 39 -5.41 3.49 40.67
C LEU A 39 -6.75 4.20 40.58
N GLY A 40 -7.63 3.70 39.72
CA GLY A 40 -8.91 4.35 39.53
C GLY A 40 -9.83 3.48 38.71
N THR A 41 -11.09 3.85 38.72
CA THR A 41 -12.12 3.12 37.98
C THR A 41 -12.67 3.98 36.86
N GLY A 42 -13.17 3.32 35.83
CA GLY A 42 -13.79 3.97 34.69
C GLY A 42 -12.88 4.35 33.55
N VAL A 43 -11.74 4.95 33.85
CA VAL A 43 -10.79 5.38 32.83
C VAL A 43 -9.89 4.18 32.53
N VAL A 44 -9.75 3.84 31.26
CA VAL A 44 -8.93 2.70 30.85
C VAL A 44 -8.35 2.94 29.45
N PRO A 45 -7.04 3.17 29.35
CA PRO A 45 -6.43 3.26 28.02
C PRO A 45 -5.90 1.95 27.47
N ALA A 46 -5.79 0.91 28.28
CA ALA A 46 -5.25 -0.36 27.81
C ALA A 46 -6.25 -1.16 27.00
N LEU A 47 -7.53 -0.89 27.16
CA LEU A 47 -8.56 -1.61 26.43
C LEU A 47 -8.96 -0.80 25.20
N GLN A 48 -8.91 -1.44 24.03
CA GLN A 48 -9.23 -0.79 22.77
C GLN A 48 -10.31 -1.61 22.06
N ALA A 49 -10.58 -1.21 20.82
CA ALA A 49 -11.47 -1.95 19.94
C ALA A 49 -10.91 -1.80 18.54
N ALA A 50 -10.28 -2.85 18.03
CA ALA A 50 -9.68 -2.82 16.70
C ALA A 50 -10.71 -2.97 15.59
N GLU A 51 -11.97 -3.20 15.93
CA GLU A 51 -13.02 -3.40 14.94
C GLU A 51 -13.35 -2.14 14.18
N THR A 52 -13.09 -0.96 14.74
CA THR A 52 -13.46 0.27 14.08
C THR A 52 -12.47 0.68 13.00
N GLY A 53 -11.37 -0.03 12.86
CA GLY A 53 -10.40 0.30 11.85
C GLY A 53 -9.45 1.41 12.20
N ALA A 54 -9.55 1.98 13.40
CA ALA A 54 -8.60 2.93 13.89
C ALA A 54 -7.53 2.22 14.70
N SER A 55 -6.30 2.69 14.59
CA SER A 55 -5.25 2.10 15.38
C SER A 55 -5.29 2.65 16.80
N SER A 56 -4.61 1.95 17.69
CA SER A 56 -4.65 2.32 19.10
C SER A 56 -3.81 3.56 19.36
N ASN A 57 -4.17 4.28 20.41
CA ASN A 57 -3.49 5.51 20.78
C ASN A 57 -2.84 5.43 22.15
N ALA A 58 -2.68 4.23 22.69
CA ALA A 58 -2.02 4.06 23.97
C ALA A 58 -0.51 4.27 23.82
N SER A 59 0.03 5.14 24.65
CA SER A 59 1.45 5.44 24.67
C SER A 59 2.14 4.57 25.69
N ASP A 60 3.40 4.91 25.98
CA ASP A 60 4.15 4.16 26.98
C ASP A 60 3.73 4.53 28.39
N LYS A 61 3.41 5.81 28.62
CA LYS A 61 3.18 6.29 29.97
C LYS A 61 1.83 5.86 30.54
N ASN A 62 0.92 5.37 29.72
CA ASN A 62 -0.38 4.95 30.21
C ASN A 62 -0.40 3.49 30.64
N LEU A 63 0.66 2.75 30.40
CA LEU A 63 0.73 1.34 30.81
C LEU A 63 1.74 1.09 31.92
N ILE A 64 2.91 1.71 31.86
CA ILE A 64 3.93 1.59 32.88
C ILE A 64 4.31 2.99 33.34
N GLU A 65 5.18 3.07 34.33
CA GLU A 65 5.72 4.37 34.74
C GLU A 65 7.03 4.60 34.01
N THR A 66 7.18 5.80 33.46
CA THR A 66 8.33 6.17 32.65
C THR A 66 9.03 7.38 33.25
N ARG A 67 10.28 7.57 32.84
CA ARG A 67 11.06 8.74 33.19
C ARG A 67 10.90 9.78 32.08
N CYS A 68 11.70 10.83 32.15
CA CYS A 68 11.69 11.86 31.11
C CYS A 68 12.91 11.69 30.22
N VAL A 69 12.67 11.54 28.91
CA VAL A 69 13.72 11.31 27.92
C VAL A 69 13.56 12.32 26.81
N LEU A 70 14.56 13.19 26.65
CA LEU A 70 14.62 14.10 25.51
C LEU A 70 15.46 13.43 24.43
N ASN A 71 14.82 13.03 23.34
CA ASN A 71 15.51 12.42 22.23
C ASN A 71 15.59 13.42 21.08
N HIS A 72 16.67 13.34 20.32
CA HIS A 72 16.89 14.20 19.16
C HIS A 72 17.07 13.40 17.89
N HIS A 73 16.36 12.27 17.80
CA HIS A 73 16.46 11.43 16.62
C HIS A 73 15.72 12.07 15.46
N SER A 74 16.43 12.35 14.39
CA SER A 74 15.82 13.00 13.23
C SER A 74 15.11 11.99 12.36
N THR A 75 14.05 12.46 11.70
CA THR A 75 13.28 11.65 10.76
C THR A 75 13.56 12.04 9.32
N GLN A 76 14.79 12.39 8.99
CA GLN A 76 15.10 12.89 7.66
C GLN A 76 15.21 11.77 6.64
N GLU A 77 15.77 10.63 7.03
CA GLU A 77 16.02 9.53 6.10
C GLU A 77 14.75 8.81 5.69
N THR A 78 13.66 9.03 6.39
CA THR A 78 12.40 8.37 6.09
C THR A 78 11.50 9.19 5.18
N ALA A 79 11.95 10.34 4.71
CA ALA A 79 11.17 11.11 3.76
C ALA A 79 11.18 10.42 2.41
N ILE A 80 10.16 10.72 1.59
CA ILE A 80 10.07 10.06 0.29
C ILE A 80 11.10 10.60 -0.69
N GLY A 81 11.61 11.80 -0.46
CA GLY A 81 12.63 12.33 -1.34
C GLY A 81 13.96 11.60 -1.19
N ASN A 82 14.35 11.32 0.05
CA ASN A 82 15.60 10.61 0.29
C ASN A 82 15.46 9.12 0.06
N PHE A 83 14.23 8.61 0.04
CA PHE A 83 14.06 7.17 -0.16
C PHE A 83 14.19 6.80 -1.62
N PHE A 84 13.88 7.71 -2.53
CA PHE A 84 13.81 7.38 -3.95
C PHE A 84 14.96 7.93 -4.78
N SER A 85 15.65 8.97 -4.31
CA SER A 85 16.67 9.64 -5.12
C SER A 85 17.98 8.85 -5.07
N ARG A 86 17.94 7.68 -5.70
CA ARG A 86 19.09 6.81 -5.87
C ARG A 86 18.99 6.16 -7.23
N ALA A 87 20.08 6.19 -7.98
CA ALA A 87 20.08 5.66 -9.35
C ALA A 87 20.05 4.14 -9.32
N GLY A 88 19.12 3.55 -10.07
CA GLY A 88 19.02 2.11 -10.15
C GLY A 88 19.01 1.63 -11.58
N LEU A 89 19.39 0.37 -11.80
CA LEU A 89 19.49 -0.15 -13.16
C LEU A 89 18.10 -0.46 -13.70
N VAL A 90 17.83 -0.03 -14.93
CA VAL A 90 16.55 -0.29 -15.57
C VAL A 90 16.68 -1.05 -16.89
N SER A 91 17.84 -1.10 -17.52
CA SER A 91 17.93 -1.71 -18.85
C SER A 91 19.35 -2.18 -19.15
N ILE A 92 19.44 -3.27 -19.89
CA ILE A 92 20.68 -3.73 -20.48
C ILE A 92 20.44 -3.90 -21.97
N ILE A 93 21.16 -3.14 -22.79
CA ILE A 93 20.94 -3.11 -24.22
C ILE A 93 22.24 -3.46 -24.92
N THR A 94 22.22 -4.52 -25.73
CA THR A 94 23.42 -5.03 -26.38
C THR A 94 23.30 -4.91 -27.89
N MET A 95 24.42 -4.61 -28.54
CA MET A 95 24.54 -4.57 -29.99
C MET A 95 25.56 -5.61 -30.41
N PRO A 96 25.14 -6.84 -30.75
CA PRO A 96 26.05 -7.94 -31.06
C PRO A 96 26.82 -7.77 -32.38
N ASN A 102 19.54 -5.59 -34.43
CA ASN A 102 20.56 -5.57 -33.39
C ASN A 102 21.95 -5.76 -33.98
N THR A 103 22.06 -6.70 -34.92
CA THR A 103 23.32 -7.01 -35.57
C THR A 103 23.65 -6.02 -36.69
N ASP A 104 22.75 -5.09 -36.99
CA ASP A 104 22.98 -4.10 -38.03
C ASP A 104 23.42 -2.77 -37.48
N GLY A 105 23.91 -2.73 -36.25
CA GLY A 105 24.45 -1.51 -35.70
C GLY A 105 23.46 -0.57 -35.06
N TYR A 106 22.23 -1.01 -34.84
CA TYR A 106 21.24 -0.16 -34.21
C TYR A 106 20.19 -1.02 -33.53
N VAL A 107 19.61 -0.49 -32.46
CA VAL A 107 18.53 -1.15 -31.73
C VAL A 107 17.45 -0.13 -31.43
N ASN A 108 16.21 -0.57 -31.41
CA ASN A 108 15.08 0.26 -31.04
C ASN A 108 14.43 -0.36 -29.81
N TRP A 109 14.58 0.28 -28.66
CA TRP A 109 14.14 -0.27 -27.39
C TRP A 109 12.93 0.52 -26.90
N ASP A 110 11.85 -0.19 -26.62
CA ASP A 110 10.62 0.45 -26.15
C ASP A 110 10.76 0.80 -24.68
N ILE A 111 10.37 2.02 -24.33
CA ILE A 111 10.57 2.52 -22.97
C ILE A 111 9.63 1.84 -22.00
N ASP A 112 10.17 0.93 -21.19
CA ASP A 112 9.41 0.23 -20.16
C ASP A 112 10.33 0.05 -18.97
N LEU A 113 9.98 0.67 -17.84
CA LEU A 113 10.88 0.71 -16.69
C LEU A 113 10.59 -0.38 -15.66
N MET A 114 9.97 -1.48 -16.09
CA MET A 114 9.59 -2.55 -15.19
C MET A 114 10.33 -3.84 -15.52
N GLY A 115 11.57 -3.73 -15.98
CA GLY A 115 12.29 -4.90 -16.43
C GLY A 115 13.21 -5.50 -15.38
N TYR A 116 13.41 -4.80 -14.27
CA TYR A 116 14.30 -5.27 -13.22
C TYR A 116 13.62 -5.09 -11.87
N ALA A 117 13.63 -6.16 -11.07
CA ALA A 117 12.70 -6.29 -9.96
C ALA A 117 13.04 -5.41 -8.77
N GLN A 118 14.27 -4.92 -8.65
CA GLN A 118 14.64 -4.18 -7.46
C GLN A 118 14.05 -2.78 -7.45
N LEU A 119 13.94 -2.16 -8.62
CA LEU A 119 13.27 -0.86 -8.69
C LEU A 119 11.77 -1.01 -8.87
N ARG A 120 11.30 -2.14 -9.38
CA ARG A 120 9.87 -2.34 -9.57
C ARG A 120 9.17 -2.50 -8.24
N ARG A 121 9.83 -3.11 -7.26
CA ARG A 121 9.21 -3.32 -5.96
C ARG A 121 9.07 -2.02 -5.18
N LYS A 122 10.01 -1.10 -5.34
CA LYS A 122 9.94 0.17 -4.61
C LYS A 122 8.87 1.08 -5.19
N CYS A 123 8.75 1.12 -6.51
CA CYS A 123 7.79 2.01 -7.13
C CYS A 123 6.36 1.49 -7.03
N GLU A 124 6.18 0.19 -6.88
CA GLU A 124 4.85 -0.38 -6.72
C GLU A 124 4.34 -0.28 -5.29
N LEU A 125 5.10 0.35 -4.39
CA LEU A 125 4.61 0.56 -3.03
C LEU A 125 3.52 1.62 -3.00
N PHE A 126 3.58 2.58 -3.92
CA PHE A 126 2.55 3.60 -4.04
C PHE A 126 1.73 3.36 -5.29
N THR A 127 0.55 3.99 -5.33
CA THR A 127 -0.35 3.83 -6.47
C THR A 127 -0.10 4.88 -7.54
N TYR A 128 -0.13 6.15 -7.16
CA TYR A 128 0.09 7.26 -8.08
C TYR A 128 1.37 7.96 -7.72
N MET A 129 2.14 8.35 -8.74
CA MET A 129 3.42 8.98 -8.52
C MET A 129 3.63 10.07 -9.55
N ARG A 130 4.38 11.10 -9.16
CA ARG A 130 4.63 12.26 -10.00
C ARG A 130 6.04 12.75 -9.74
N PHE A 131 6.89 12.69 -10.76
CA PHE A 131 8.31 12.91 -10.54
C PHE A 131 8.99 13.34 -11.83
N ASP A 132 10.18 13.90 -11.67
CA ASP A 132 11.10 14.15 -12.77
C ASP A 132 12.33 13.27 -12.62
N ALA A 133 12.85 12.79 -13.75
CA ALA A 133 13.90 11.80 -13.74
C ALA A 133 15.23 12.41 -14.10
N GLU A 134 16.27 11.57 -14.08
CA GLU A 134 17.60 11.96 -14.54
C GLU A 134 18.32 10.70 -15.00
N PHE A 135 18.62 10.62 -16.28
CA PHE A 135 19.10 9.39 -16.90
C PHE A 135 20.59 9.45 -17.12
N THR A 136 21.27 8.31 -16.94
CA THR A 136 22.71 8.20 -17.10
C THR A 136 23.03 6.93 -17.86
N PHE A 137 23.90 7.03 -18.85
CA PHE A 137 24.22 5.91 -19.74
C PHE A 137 25.68 5.52 -19.53
N VAL A 138 25.90 4.29 -19.12
CA VAL A 138 27.24 3.74 -18.94
C VAL A 138 27.42 2.64 -19.96
N VAL A 139 28.41 2.78 -20.85
CA VAL A 139 28.53 1.97 -22.04
C VAL A 139 29.97 1.46 -22.18
N ALA A 140 30.11 0.16 -22.46
CA ALA A 140 31.40 -0.48 -22.67
C ALA A 140 31.19 -1.77 -23.46
N LYS A 141 32.28 -2.49 -23.69
CA LYS A 141 32.25 -3.80 -24.34
C LYS A 141 31.69 -4.84 -23.38
N PRO A 142 31.28 -6.02 -23.87
CA PRO A 142 30.72 -7.03 -22.96
C PRO A 142 31.70 -7.67 -21.99
N ASN A 143 32.99 -7.34 -22.04
CA ASN A 143 33.93 -7.75 -21.01
C ASN A 143 34.57 -6.57 -20.31
N GLY A 144 33.92 -5.40 -20.34
CA GLY A 144 34.44 -4.21 -19.70
C GLY A 144 35.54 -3.50 -20.45
N VAL A 145 35.99 -4.05 -21.59
CA VAL A 145 37.08 -3.47 -22.36
C VAL A 145 36.64 -2.15 -23.00
N LEU A 146 37.60 -1.27 -23.25
CA LEU A 146 37.33 0.05 -23.81
C LEU A 146 37.97 0.20 -25.18
N VAL A 147 37.19 0.67 -26.14
CA VAL A 147 37.66 0.96 -27.49
C VAL A 147 37.10 2.29 -27.93
N PRO A 148 37.96 3.17 -28.47
CA PRO A 148 37.49 4.49 -28.92
C PRO A 148 36.50 4.37 -30.08
N GLN A 149 35.32 4.96 -29.87
CA GLN A 149 34.17 4.69 -30.73
C GLN A 149 33.15 5.80 -30.50
N LEU A 150 32.52 6.24 -31.59
CA LEU A 150 31.55 7.32 -31.55
C LEU A 150 30.14 6.75 -31.56
N LEU A 151 29.28 7.26 -30.69
CA LEU A 151 27.93 6.75 -30.54
C LEU A 151 26.92 7.89 -30.59
N GLN A 152 25.67 7.55 -30.88
CA GLN A 152 24.59 8.51 -30.94
C GLN A 152 23.34 7.92 -30.29
N TYR A 153 22.74 8.68 -29.38
CA TYR A 153 21.48 8.30 -28.76
C TYR A 153 20.41 9.24 -29.30
N MET A 154 19.19 8.71 -29.49
CA MET A 154 18.09 9.52 -29.98
C MET A 154 16.80 9.06 -29.32
N TYR A 155 16.06 10.02 -28.76
CA TYR A 155 14.78 9.74 -28.13
C TYR A 155 13.66 10.01 -29.12
N VAL A 156 12.79 9.02 -29.30
CA VAL A 156 11.71 9.12 -30.28
C VAL A 156 10.38 9.16 -29.54
N PRO A 157 9.64 10.26 -29.61
CA PRO A 157 8.34 10.34 -28.95
C PRO A 157 7.32 9.48 -29.66
N PRO A 158 6.21 9.13 -29.01
CA PRO A 158 5.19 8.29 -29.68
C PRO A 158 4.47 9.05 -30.78
N GLY A 159 4.48 8.47 -31.98
CA GLY A 159 3.91 9.08 -33.16
C GLY A 159 4.95 9.48 -34.18
N ALA A 160 6.16 9.75 -33.74
CA ALA A 160 7.28 10.10 -34.59
C ALA A 160 7.73 8.90 -35.41
N PRO A 161 8.33 9.11 -36.59
CA PRO A 161 8.85 7.98 -37.35
C PRO A 161 10.10 7.41 -36.69
N LYS A 162 10.29 6.13 -36.87
CA LYS A 162 11.45 5.49 -36.26
C LYS A 162 12.48 5.13 -37.33
N PRO A 163 13.77 5.13 -36.98
CA PRO A 163 14.78 4.69 -37.95
C PRO A 163 14.72 3.18 -38.15
N THR A 164 14.77 2.77 -39.41
CA THR A 164 14.74 1.36 -39.77
C THR A 164 16.10 0.84 -40.20
N SER A 165 17.07 1.71 -40.39
CA SER A 165 18.40 1.28 -40.81
C SER A 165 19.44 2.12 -40.09
N ARG A 166 20.71 1.75 -40.28
CA ARG A 166 21.79 2.47 -39.66
C ARG A 166 22.00 3.84 -40.28
N ASP A 167 21.57 4.02 -41.53
CA ASP A 167 21.72 5.27 -42.26
C ASP A 167 20.39 5.80 -42.78
N SER A 168 19.36 5.77 -41.95
CA SER A 168 18.07 6.27 -42.38
C SER A 168 18.02 7.79 -42.29
N PHE A 169 16.92 8.36 -42.78
CA PHE A 169 16.75 9.80 -42.70
C PHE A 169 16.27 10.26 -41.35
N ALA A 170 15.89 9.33 -40.46
CA ALA A 170 15.47 9.72 -39.13
C ALA A 170 16.64 10.12 -38.24
N TRP A 171 17.87 9.79 -38.63
CA TRP A 171 19.04 10.11 -37.84
C TRP A 171 19.52 11.54 -38.05
N GLN A 172 18.80 12.36 -38.81
CA GLN A 172 19.22 13.74 -39.01
C GLN A 172 18.92 14.61 -37.80
N THR A 173 18.02 14.14 -36.93
CA THR A 173 17.61 14.77 -35.67
C THR A 173 17.30 16.26 -35.79
N ALA A 174 16.41 16.64 -36.71
CA ALA A 174 16.09 18.05 -36.86
C ALA A 174 15.25 18.58 -35.71
N THR A 175 14.49 17.71 -35.04
CA THR A 175 13.64 18.10 -33.92
C THR A 175 13.94 17.29 -32.67
N ASN A 176 14.36 16.04 -32.86
CA ASN A 176 14.47 15.10 -31.75
C ASN A 176 15.65 15.47 -30.86
N PRO A 177 15.52 15.33 -29.55
CA PRO A 177 16.69 15.48 -28.67
C PRO A 177 17.64 14.31 -28.86
N SER A 178 18.93 14.61 -28.86
CA SER A 178 19.93 13.60 -29.15
C SER A 178 21.25 13.97 -28.50
N VAL A 179 22.04 12.95 -28.19
CA VAL A 179 23.36 13.12 -27.59
C VAL A 179 24.37 12.39 -28.46
N PHE A 180 25.51 13.03 -28.68
CA PHE A 180 26.66 12.38 -29.30
C PHE A 180 27.77 12.28 -28.27
N VAL A 181 28.27 11.07 -28.04
CA VAL A 181 29.22 10.82 -26.96
C VAL A 181 30.11 9.66 -27.38
N LYS A 182 31.35 9.67 -26.85
CA LYS A 182 32.34 8.66 -27.17
C LYS A 182 32.44 7.66 -26.02
N MET A 183 33.14 6.56 -26.28
CA MET A 183 33.25 5.51 -25.26
C MET A 183 34.26 5.88 -24.18
N THR A 184 35.26 6.68 -24.54
CA THR A 184 36.34 6.97 -23.59
C THR A 184 35.95 8.11 -22.65
N ASP A 185 34.82 8.75 -22.91
CA ASP A 185 34.42 9.92 -22.17
C ASP A 185 33.80 9.54 -20.82
N PRO A 186 33.59 10.52 -19.94
CA PRO A 186 32.68 10.30 -18.80
C PRO A 186 31.27 10.03 -19.26
N PRO A 187 30.46 9.35 -18.44
CA PRO A 187 29.11 8.96 -18.89
C PRO A 187 28.18 10.16 -19.05
N ALA A 188 27.27 10.05 -20.01
CA ALA A 188 26.36 11.13 -20.33
C ALA A 188 25.23 11.21 -19.31
N GLN A 189 24.70 12.41 -19.11
CA GLN A 189 23.62 12.65 -18.17
C GLN A 189 22.64 13.64 -18.76
N VAL A 190 21.35 13.38 -18.58
CA VAL A 190 20.28 14.25 -19.07
C VAL A 190 19.21 14.35 -18.00
N SER A 191 18.32 15.34 -18.17
CA SER A 191 17.19 15.54 -17.27
C SER A 191 15.89 15.51 -18.07
N VAL A 192 14.89 14.83 -17.53
CA VAL A 192 13.63 14.57 -18.21
C VAL A 192 12.51 15.10 -17.33
N PRO A 193 11.59 15.91 -17.84
CA PRO A 193 10.51 16.43 -17.00
C PRO A 193 9.33 15.48 -16.97
N PHE A 194 8.32 15.84 -16.18
CA PHE A 194 7.11 15.04 -16.05
C PHE A 194 6.24 15.24 -17.28
N MET A 195 6.00 14.18 -18.04
CA MET A 195 5.43 14.31 -19.37
C MET A 195 4.24 13.38 -19.59
N SER A 196 3.41 13.24 -18.63
CA SER A 196 2.25 12.41 -18.92
C SER A 196 1.06 13.28 -19.28
N PRO A 197 0.13 12.77 -20.11
CA PRO A 197 -1.12 13.50 -20.34
C PRO A 197 -2.00 13.61 -19.11
N ALA A 198 -1.94 12.65 -18.21
CA ALA A 198 -2.68 12.72 -16.97
C ALA A 198 -1.88 13.52 -15.94
N SER A 199 -2.41 13.63 -14.73
CA SER A 199 -1.74 14.40 -13.70
C SER A 199 -0.67 13.63 -12.96
N ALA A 200 -0.67 12.30 -13.05
CA ALA A 200 0.34 11.49 -12.38
C ALA A 200 0.43 10.13 -13.06
N TYR A 201 1.61 9.54 -13.01
CA TYR A 201 1.76 8.18 -13.48
C TYR A 201 1.06 7.23 -12.52
N GLN A 202 0.55 6.14 -13.06
CA GLN A 202 -0.04 5.09 -12.23
C GLN A 202 0.53 3.75 -12.66
N TRP A 203 0.82 2.90 -11.68
CA TRP A 203 1.38 1.59 -11.96
C TRP A 203 0.32 0.50 -11.99
N PHE A 204 -0.94 0.87 -11.81
CA PHE A 204 -2.04 -0.09 -11.83
C PHE A 204 -3.23 0.57 -12.50
N TYR A 205 -3.86 -0.14 -13.43
CA TYR A 205 -4.97 0.39 -14.21
C TYR A 205 -5.99 -0.73 -14.38
N ASP A 206 -7.07 -0.67 -13.62
CA ASP A 206 -8.07 -1.73 -13.62
C ASP A 206 -9.10 -1.44 -14.70
N GLY A 207 -8.90 -2.02 -15.87
CA GLY A 207 -9.86 -1.87 -16.94
C GLY A 207 -9.18 -2.01 -18.29
N TYR A 208 -9.95 -1.74 -19.32
CA TYR A 208 -9.51 -1.83 -20.69
C TYR A 208 -9.32 -0.42 -21.26
N PRO A 209 -8.34 -0.22 -22.13
CA PRO A 209 -8.10 1.15 -22.62
C PRO A 209 -9.10 1.58 -23.69
N THR A 210 -9.64 0.64 -24.44
CA THR A 210 -10.50 0.95 -25.56
C THR A 210 -11.95 0.57 -25.27
N PHE A 211 -12.84 1.05 -26.12
CA PHE A 211 -14.24 0.67 -26.06
C PHE A 211 -14.47 -0.61 -26.85
N GLY A 212 -15.74 -0.93 -27.04
CA GLY A 212 -16.11 -2.05 -27.88
C GLY A 212 -16.08 -3.36 -27.11
N GLU A 213 -16.25 -4.43 -27.88
CA GLU A 213 -16.36 -5.76 -27.31
C GLU A 213 -14.99 -6.28 -26.86
N HIS A 214 -14.96 -6.90 -25.69
CA HIS A 214 -13.76 -7.53 -25.18
C HIS A 214 -13.89 -9.03 -25.32
N LEU A 215 -12.94 -9.66 -26.00
CA LEU A 215 -12.98 -11.08 -26.28
C LEU A 215 -11.66 -11.73 -25.89
N GLN A 216 -11.49 -12.98 -26.32
CA GLN A 216 -10.27 -13.71 -26.00
C GLN A 216 -9.12 -13.29 -26.91
N ALA A 217 -9.43 -12.61 -28.01
CA ALA A 217 -8.37 -12.10 -28.87
C ALA A 217 -7.82 -10.78 -28.34
N ASN A 218 -8.66 -10.01 -27.64
CA ASN A 218 -8.28 -8.71 -27.10
C ASN A 218 -8.12 -8.74 -25.59
N ASP A 219 -7.84 -9.92 -25.01
CA ASP A 219 -7.78 -10.03 -23.56
C ASP A 219 -6.47 -9.50 -23.01
N LEU A 220 -5.48 -9.28 -23.88
CA LEU A 220 -4.19 -8.80 -23.40
C LEU A 220 -4.19 -7.29 -23.22
N ASP A 221 -5.29 -6.63 -23.53
CA ASP A 221 -5.39 -5.18 -23.35
C ASP A 221 -5.59 -4.80 -21.89
N TYR A 222 -5.94 -5.78 -21.06
CA TYR A 222 -6.32 -5.50 -19.68
C TYR A 222 -5.11 -5.05 -18.87
N GLY A 223 -5.11 -3.79 -18.47
CA GLY A 223 -4.06 -3.24 -17.65
C GLY A 223 -3.03 -2.40 -18.38
N GLN A 224 -3.26 -2.06 -19.63
CA GLN A 224 -2.33 -1.25 -20.42
C GLN A 224 -2.89 0.16 -20.53
N CYS A 225 -2.31 1.09 -19.76
CA CYS A 225 -2.76 2.47 -19.77
C CYS A 225 -1.87 3.28 -20.70
N PRO A 226 -2.44 4.01 -21.66
CA PRO A 226 -1.60 4.77 -22.60
C PRO A 226 -0.99 6.03 -22.01
N ASN A 227 -1.31 6.40 -20.76
CA ASN A 227 -0.64 7.53 -20.12
C ASN A 227 0.76 7.19 -19.63
N ASN A 228 1.21 5.95 -19.81
CA ASN A 228 2.54 5.55 -19.40
C ASN A 228 3.42 5.13 -20.56
N MET A 229 2.86 4.91 -21.75
CA MET A 229 3.66 4.57 -22.92
C MET A 229 4.29 5.84 -23.46
N MET A 230 5.62 5.91 -23.44
CA MET A 230 6.33 7.13 -23.77
C MET A 230 7.17 7.03 -25.03
N GLY A 231 6.84 6.12 -25.94
CA GLY A 231 7.58 5.99 -27.16
C GLY A 231 8.73 5.02 -27.03
N THR A 232 9.79 5.28 -27.79
CA THR A 232 10.92 4.38 -27.87
C THR A 232 12.22 5.14 -27.75
N PHE A 233 13.31 4.39 -27.84
CA PHE A 233 14.66 4.86 -27.60
C PHE A 233 15.59 4.12 -28.55
N SER A 234 16.48 4.85 -29.22
CA SER A 234 17.29 4.27 -30.28
C SER A 234 18.74 4.73 -30.18
N ILE A 235 19.66 3.78 -30.27
CA ILE A 235 21.09 4.09 -30.32
C ILE A 235 21.64 3.52 -31.62
N ARG A 236 22.80 4.00 -32.03
CA ARG A 236 23.51 3.48 -33.19
C ARG A 236 24.97 3.90 -33.12
N THR A 237 25.80 3.13 -33.81
CA THR A 237 27.15 3.59 -34.15
C THR A 237 27.03 4.59 -35.28
N VAL A 238 27.90 5.59 -35.26
CA VAL A 238 27.68 6.78 -36.08
C VAL A 238 27.98 6.50 -37.56
N GLY A 239 29.02 5.72 -37.82
CA GLY A 239 29.47 5.53 -39.19
C GLY A 239 28.51 4.72 -40.05
N THR A 240 28.70 4.86 -41.36
CA THR A 240 27.81 4.22 -42.32
C THR A 240 28.20 2.77 -42.59
N GLU A 241 29.32 2.32 -42.06
CA GLU A 241 29.76 0.95 -42.26
C GLU A 241 29.50 0.11 -41.02
N LYS A 242 29.94 -1.15 -41.08
CA LYS A 242 29.75 -2.05 -39.96
C LYS A 242 30.92 -1.95 -38.99
N SER A 243 30.64 -1.53 -37.78
CA SER A 243 31.64 -1.45 -36.72
C SER A 243 32.02 -2.87 -36.28
N PRO A 244 33.28 -3.09 -35.91
CA PRO A 244 33.72 -4.46 -35.58
C PRO A 244 33.65 -4.83 -34.10
N HIS A 245 32.99 -4.04 -33.26
CA HIS A 245 32.98 -4.28 -31.83
C HIS A 245 31.58 -4.51 -31.32
N SER A 246 31.46 -5.31 -30.28
CA SER A 246 30.19 -5.50 -29.59
C SER A 246 30.03 -4.45 -28.51
N ILE A 247 28.83 -3.91 -28.42
CA ILE A 247 28.53 -2.79 -27.52
C ILE A 247 27.49 -3.27 -26.51
N THR A 248 27.54 -2.71 -25.30
CA THR A 248 26.57 -3.02 -24.26
C THR A 248 26.30 -1.75 -23.47
N LEU A 249 25.02 -1.38 -23.39
CA LEU A 249 24.61 -0.15 -22.71
C LEU A 249 23.86 -0.51 -21.43
N ARG A 250 24.11 0.28 -20.38
CA ARG A 250 23.39 0.17 -19.12
C ARG A 250 22.82 1.52 -18.79
N VAL A 251 21.54 1.55 -18.43
CA VAL A 251 20.81 2.80 -18.21
C VAL A 251 20.42 2.88 -16.74
N TYR A 252 20.76 4.00 -16.11
CA TYR A 252 20.43 4.23 -14.70
C TYR A 252 19.57 5.47 -14.58
N MET A 253 18.56 5.40 -13.71
CA MET A 253 17.57 6.46 -13.58
C MET A 253 17.44 6.88 -12.14
N ARG A 254 17.57 8.18 -11.88
CA ARG A 254 17.28 8.75 -10.58
C ARG A 254 15.89 9.36 -10.62
N ILE A 255 15.34 9.66 -9.45
CA ILE A 255 13.98 10.16 -9.32
C ILE A 255 14.01 11.38 -8.42
N LYS A 256 13.57 12.53 -8.95
CA LYS A 256 13.62 13.79 -8.23
C LYS A 256 12.23 14.41 -8.11
N HIS A 257 12.06 15.22 -7.07
CA HIS A 257 10.85 16.00 -6.78
C HIS A 257 9.61 15.10 -6.67
N VAL A 258 9.69 14.17 -5.76
CA VAL A 258 8.73 13.08 -5.69
C VAL A 258 7.49 13.53 -4.94
N ARG A 259 6.31 13.18 -5.47
CA ARG A 259 5.06 13.24 -4.73
C ARG A 259 4.32 11.94 -5.00
N ALA A 260 3.79 11.34 -3.95
CA ALA A 260 3.15 10.03 -4.06
C ALA A 260 1.78 10.06 -3.43
N TRP A 261 0.96 9.06 -3.76
CA TRP A 261 -0.40 8.97 -3.26
C TRP A 261 -0.80 7.52 -3.08
N ILE A 262 -1.62 7.27 -2.06
CA ILE A 262 -2.38 6.04 -1.85
C ILE A 262 -1.48 4.81 -1.74
N PRO A 263 -0.87 4.56 -0.59
CA PRO A 263 0.04 3.40 -0.45
C PRO A 263 -0.69 2.07 -0.56
N ARG A 264 0.09 1.03 -0.79
CA ARG A 264 -0.39 -0.30 -1.12
C ARG A 264 0.43 -1.34 -0.36
N PRO A 265 -0.06 -2.58 -0.25
CA PRO A 265 0.80 -3.66 0.24
C PRO A 265 1.91 -3.99 -0.75
N LEU A 266 3.03 -4.47 -0.23
CA LEU A 266 4.17 -4.80 -1.06
C LEU A 266 4.08 -6.23 -1.56
N ARG A 267 4.68 -6.48 -2.73
CA ARG A 267 4.58 -7.79 -3.36
C ARG A 267 5.55 -8.78 -2.71
N ASN A 268 5.05 -9.97 -2.39
CA ASN A 268 5.87 -11.01 -1.77
C ASN A 268 6.07 -12.21 -2.67
N GLN A 269 5.60 -12.17 -3.90
CA GLN A 269 5.80 -13.22 -4.87
C GLN A 269 6.75 -12.75 -5.97
N PRO A 270 7.58 -13.65 -6.52
CA PRO A 270 8.51 -13.22 -7.56
C PRO A 270 7.81 -12.92 -8.87
N TYR A 271 8.35 -11.95 -9.60
CA TYR A 271 7.72 -11.46 -10.81
C TYR A 271 7.85 -12.46 -11.94
N LEU A 272 6.96 -12.35 -12.92
CA LEU A 272 7.03 -13.21 -14.10
C LEU A 272 7.10 -12.44 -15.41
N PHE A 273 6.34 -11.36 -15.57
CA PHE A 273 6.39 -10.57 -16.78
C PHE A 273 6.40 -9.09 -16.43
N LYS A 274 6.63 -8.26 -17.45
CA LYS A 274 6.77 -6.83 -17.24
C LYS A 274 5.44 -6.10 -17.29
N THR A 275 4.38 -6.74 -17.78
CA THR A 275 3.15 -6.04 -18.07
C THR A 275 1.98 -6.42 -17.17
N ASN A 276 2.05 -7.53 -16.47
CA ASN A 276 0.94 -8.01 -15.66
C ASN A 276 1.44 -8.58 -14.34
N PRO A 277 0.61 -8.56 -13.30
CA PRO A 277 1.04 -9.07 -12.00
C PRO A 277 0.98 -10.58 -11.83
N ASN A 278 0.97 -11.34 -12.92
CA ASN A 278 0.90 -12.80 -12.86
C ASN A 278 2.02 -13.40 -12.02
N TYR A 279 1.69 -14.47 -11.31
CA TYR A 279 2.64 -15.16 -10.45
C TYR A 279 2.62 -16.63 -10.79
N LYS A 280 3.53 -17.38 -10.18
CA LYS A 280 3.51 -18.83 -10.35
C LYS A 280 2.47 -19.43 -9.42
N GLY A 281 1.62 -20.29 -9.97
CA GLY A 281 0.49 -20.82 -9.22
C GLY A 281 0.77 -22.10 -8.48
N ASN A 282 1.94 -22.70 -8.71
CA ASN A 282 2.25 -23.94 -8.01
C ASN A 282 2.97 -23.69 -6.70
N ASP A 283 4.07 -22.95 -6.71
CA ASP A 283 4.80 -22.64 -5.49
C ASP A 283 4.34 -21.27 -5.01
N ILE A 284 3.28 -21.26 -4.23
CA ILE A 284 2.87 -20.03 -3.53
C ILE A 284 3.78 -19.87 -2.32
N LYS A 285 4.63 -18.86 -2.35
CA LYS A 285 5.56 -18.62 -1.27
C LYS A 285 4.86 -18.06 -0.05
N CYS A 286 5.01 -18.72 1.08
CA CYS A 286 4.53 -18.21 2.34
C CYS A 286 5.33 -16.96 2.72
N THR A 287 4.65 -16.02 3.38
CA THR A 287 5.24 -14.71 3.60
C THR A 287 6.35 -14.75 4.64
N SER A 288 6.22 -15.59 5.65
CA SER A 288 7.20 -15.71 6.72
C SER A 288 7.91 -17.04 6.63
N THR A 289 9.12 -17.08 7.19
CA THR A 289 9.87 -18.32 7.28
C THR A 289 9.31 -19.18 8.40
N SER A 290 9.00 -20.42 8.06
CA SER A 290 8.30 -21.30 8.98
C SER A 290 9.25 -21.86 10.03
N ARG A 291 8.68 -22.22 11.18
CA ARG A 291 9.40 -22.81 12.29
C ARG A 291 8.72 -24.13 12.66
N ASP A 292 9.15 -24.74 13.76
CA ASP A 292 8.64 -26.05 14.12
C ASP A 292 7.43 -25.99 15.04
N LYS A 293 7.58 -25.38 16.22
CA LYS A 293 6.53 -25.34 17.22
C LYS A 293 6.13 -23.90 17.51
N ILE A 294 4.91 -23.75 18.04
CA ILE A 294 4.41 -22.42 18.37
C ILE A 294 4.92 -21.94 19.72
N THR A 295 5.32 -22.86 20.61
CA THR A 295 5.77 -22.46 21.93
C THR A 295 7.27 -22.24 22.01
N THR A 296 8.05 -22.87 21.14
CA THR A 296 9.51 -22.78 21.16
C THR A 296 9.97 -21.97 19.96
N LEU A 297 10.61 -20.85 20.24
CA LEU A 297 11.19 -20.01 19.20
C LEU A 297 12.39 -20.68 18.53
N SER B 10 -24.06 4.62 23.67
CA SER B 10 -24.90 5.66 23.09
C SER B 10 -24.47 5.98 21.67
N ASP B 11 -23.35 5.41 21.24
CA ASP B 11 -22.92 5.50 19.85
C ASP B 11 -22.96 4.16 19.14
N ARG B 12 -23.55 3.15 19.79
CA ARG B 12 -23.71 1.84 19.18
C ARG B 12 -24.86 1.79 18.18
N VAL B 13 -25.77 2.75 18.23
CA VAL B 13 -26.85 2.84 17.26
C VAL B 13 -26.50 3.89 16.23
N ALA B 14 -27.05 3.73 15.03
CA ALA B 14 -26.70 4.61 13.92
C ALA B 14 -27.83 4.63 12.92
N GLN B 15 -27.95 5.74 12.20
CA GLN B 15 -28.95 5.87 11.15
C GLN B 15 -28.37 6.69 10.02
N LEU B 16 -28.42 6.13 8.81
CA LEU B 16 -27.96 6.81 7.61
C LEU B 16 -29.15 6.96 6.67
N THR B 17 -29.46 8.19 6.28
CA THR B 17 -30.51 8.47 5.32
C THR B 17 -29.95 9.34 4.21
N ILE B 18 -30.23 8.95 2.97
CA ILE B 18 -29.89 9.73 1.79
C ILE B 18 -30.83 9.29 0.67
N GLY B 19 -31.35 10.25 -0.09
CA GLY B 19 -32.35 9.92 -1.09
C GLY B 19 -33.66 9.63 -0.42
N ASN B 20 -34.31 8.55 -0.83
CA ASN B 20 -35.54 8.08 -0.21
C ASN B 20 -35.33 6.77 0.51
N SER B 21 -34.15 6.57 1.09
CA SER B 21 -33.79 5.32 1.75
C SER B 21 -33.17 5.63 3.10
N THR B 22 -33.24 4.66 4.00
CA THR B 22 -32.77 4.83 5.37
C THR B 22 -32.29 3.50 5.91
N ILE B 23 -31.07 3.49 6.47
CA ILE B 23 -30.46 2.30 7.04
C ILE B 23 -30.30 2.51 8.53
N THR B 24 -30.83 1.58 9.33
CA THR B 24 -30.73 1.64 10.77
C THR B 24 -29.99 0.41 11.29
N THR B 25 -29.23 0.60 12.37
CA THR B 25 -28.51 -0.49 13.00
C THR B 25 -28.43 -0.19 14.50
N GLN B 26 -28.54 -1.25 15.32
CA GLN B 26 -28.47 -1.10 16.76
C GLN B 26 -27.14 -1.56 17.38
N GLU B 27 -26.38 -2.43 16.71
CA GLU B 27 -25.06 -2.83 17.17
C GLU B 27 -24.09 -2.46 16.05
N ALA B 28 -23.58 -1.24 16.08
CA ALA B 28 -22.76 -0.74 15.00
C ALA B 28 -21.47 -0.15 15.55
N ALA B 29 -20.41 -0.29 14.78
CA ALA B 29 -19.15 0.36 15.07
C ALA B 29 -19.22 1.81 14.56
N ASN B 30 -18.10 2.51 14.54
CA ASN B 30 -18.12 3.91 14.12
C ASN B 30 -18.06 3.98 12.60
N ILE B 31 -18.09 5.20 12.06
CA ILE B 31 -18.13 5.45 10.62
C ILE B 31 -16.73 5.76 10.14
N VAL B 32 -16.30 5.11 9.07
CA VAL B 32 -14.96 5.32 8.55
C VAL B 32 -15.01 6.18 7.31
N ILE B 33 -14.32 7.32 7.36
CA ILE B 33 -14.14 8.19 6.21
C ILE B 33 -12.77 7.89 5.63
N ALA B 34 -12.72 7.38 4.40
CA ALA B 34 -11.48 6.93 3.81
C ALA B 34 -10.56 8.11 3.51
N TYR B 35 -9.39 8.10 4.14
CA TYR B 35 -8.37 9.15 4.08
C TYR B 35 -8.88 10.51 4.57
N GLY B 36 -9.93 10.53 5.38
CA GLY B 36 -10.39 11.75 6.01
C GLY B 36 -10.91 12.83 5.09
N GLU B 37 -11.50 12.46 3.96
CA GLU B 37 -11.99 13.43 2.99
C GLU B 37 -13.44 13.12 2.62
N TRP B 38 -14.28 14.13 2.65
CA TRP B 38 -15.66 13.98 2.22
C TRP B 38 -15.75 14.09 0.70
N PRO B 39 -16.67 13.35 0.09
CA PRO B 39 -16.83 13.48 -1.37
C PRO B 39 -17.54 14.77 -1.73
N GLU B 40 -17.17 15.32 -2.88
CA GLU B 40 -17.61 16.66 -3.25
C GLU B 40 -17.62 16.80 -4.76
N TYR B 41 -18.32 17.83 -5.21
CA TYR B 41 -18.37 18.16 -6.62
C TYR B 41 -17.04 18.76 -7.08
N CYS B 42 -16.74 18.57 -8.35
CA CYS B 42 -15.43 18.96 -8.88
C CYS B 42 -15.36 20.47 -9.04
N PRO B 43 -14.38 21.14 -8.43
CA PRO B 43 -14.28 22.59 -8.53
C PRO B 43 -13.77 23.03 -9.90
N ASP B 44 -13.81 24.34 -10.12
CA ASP B 44 -13.47 24.89 -11.43
C ASP B 44 -11.97 24.91 -11.67
N THR B 45 -11.18 24.86 -10.60
CA THR B 45 -9.73 24.93 -10.76
C THR B 45 -9.16 23.63 -11.31
N ASP B 46 -9.87 22.52 -11.10
CA ASP B 46 -9.39 21.22 -11.57
C ASP B 46 -10.18 20.69 -12.77
N ALA B 47 -11.16 21.44 -13.26
CA ALA B 47 -11.98 20.96 -14.35
C ALA B 47 -11.28 21.14 -15.68
N THR B 48 -11.58 20.24 -16.62
CA THR B 48 -11.02 20.34 -17.95
C THR B 48 -12.10 20.29 -19.02
N ALA B 49 -13.21 19.62 -18.74
CA ALA B 49 -14.32 19.58 -19.68
C ALA B 49 -15.03 20.92 -19.69
N VAL B 50 -15.55 21.30 -20.87
CA VAL B 50 -16.15 22.60 -21.03
C VAL B 50 -17.68 22.53 -20.99
N ASP B 51 -18.27 21.37 -21.27
CA ASP B 51 -19.72 21.21 -21.26
C ASP B 51 -20.24 21.27 -19.83
N LYS B 52 -21.45 21.77 -19.68
CA LYS B 52 -22.05 21.90 -18.36
C LYS B 52 -22.49 20.54 -17.86
N PRO B 53 -22.06 20.11 -16.67
CA PRO B 53 -22.40 18.77 -16.20
C PRO B 53 -23.84 18.70 -15.69
N THR B 54 -24.34 17.46 -15.64
CA THR B 54 -25.68 17.20 -15.16
C THR B 54 -25.62 16.51 -13.80
N ARG B 55 -26.49 16.92 -12.88
CA ARG B 55 -26.55 16.35 -11.54
C ARG B 55 -27.96 15.89 -11.25
N PRO B 56 -28.25 14.59 -11.27
CA PRO B 56 -29.60 14.14 -10.93
C PRO B 56 -29.94 14.28 -9.46
N ASP B 57 -28.97 14.06 -8.57
CA ASP B 57 -28.86 14.58 -7.19
C ASP B 57 -29.96 14.03 -6.28
N VAL B 58 -30.98 13.32 -6.78
CA VAL B 58 -31.89 12.60 -5.89
C VAL B 58 -32.00 11.17 -6.35
N SER B 59 -32.20 10.96 -7.65
CA SER B 59 -32.46 9.64 -8.18
C SER B 59 -31.22 8.75 -8.25
N VAL B 60 -30.02 9.31 -8.05
CA VAL B 60 -28.82 8.50 -8.01
C VAL B 60 -28.12 8.53 -6.67
N ASN B 61 -28.49 9.44 -5.76
CA ASN B 61 -27.90 9.48 -4.43
C ASN B 61 -28.82 8.75 -3.47
N ARG B 62 -28.86 7.43 -3.57
CA ARG B 62 -29.69 6.65 -2.68
C ARG B 62 -29.08 5.27 -2.52
N PHE B 63 -29.57 4.55 -1.51
CA PHE B 63 -29.02 3.23 -1.18
C PHE B 63 -29.54 2.18 -2.15
N PHE B 64 -28.61 1.48 -2.80
CA PHE B 64 -28.95 0.36 -3.67
C PHE B 64 -28.47 -0.93 -3.03
N THR B 65 -29.32 -1.95 -3.06
CA THR B 65 -29.05 -3.22 -2.40
C THR B 65 -28.74 -4.29 -3.43
N LEU B 66 -27.57 -4.91 -3.31
CA LEU B 66 -27.15 -5.95 -4.22
C LEU B 66 -27.65 -7.31 -3.73
N ASP B 67 -27.13 -8.38 -4.33
CA ASP B 67 -27.58 -9.71 -3.98
C ASP B 67 -26.95 -10.18 -2.66
N THR B 68 -27.33 -11.39 -2.26
CA THR B 68 -27.00 -11.92 -0.96
C THR B 68 -26.23 -13.22 -1.10
N LYS B 69 -25.02 -13.26 -0.54
CA LYS B 69 -24.18 -14.45 -0.56
C LYS B 69 -24.44 -15.30 0.68
N SER B 70 -23.91 -16.52 0.65
CA SER B 70 -24.11 -17.47 1.73
C SER B 70 -22.76 -17.82 2.35
N TRP B 71 -22.60 -17.52 3.63
CA TRP B 71 -21.36 -17.83 4.35
C TRP B 71 -21.43 -19.27 4.85
N ALA B 72 -20.56 -20.11 4.33
CA ALA B 72 -20.46 -21.50 4.76
C ALA B 72 -19.33 -21.64 5.77
N LYS B 73 -19.01 -22.89 6.13
CA LYS B 73 -17.94 -23.12 7.08
C LYS B 73 -16.57 -23.13 6.44
N ASP B 74 -16.47 -23.15 5.12
CA ASP B 74 -15.20 -23.23 4.43
C ASP B 74 -15.16 -22.29 3.24
N SER B 75 -15.62 -21.06 3.44
CA SER B 75 -15.68 -20.11 2.33
C SER B 75 -14.34 -19.40 2.16
N LYS B 76 -14.09 -18.92 0.94
CA LYS B 76 -12.83 -18.26 0.62
C LYS B 76 -12.93 -16.75 0.71
N GLY B 77 -13.89 -16.14 0.00
CA GLY B 77 -14.02 -14.70 -0.01
C GLY B 77 -14.58 -14.19 -1.32
N TRP B 78 -15.09 -12.97 -1.34
CA TRP B 78 -15.75 -12.44 -2.53
C TRP B 78 -15.26 -11.03 -2.79
N TYR B 79 -15.41 -10.58 -4.04
CA TYR B 79 -15.00 -9.24 -4.41
C TYR B 79 -15.96 -8.66 -5.43
N TRP B 80 -16.17 -7.34 -5.33
CA TRP B 80 -17.01 -6.60 -6.26
C TRP B 80 -16.24 -5.42 -6.82
N LYS B 81 -16.40 -5.18 -8.12
CA LYS B 81 -15.69 -4.12 -8.81
C LYS B 81 -16.60 -2.91 -8.96
N PHE B 82 -16.05 -1.74 -8.73
CA PHE B 82 -16.87 -0.54 -8.71
C PHE B 82 -16.46 0.42 -9.82
N PRO B 83 -17.41 1.08 -10.50
CA PRO B 83 -18.86 1.01 -10.32
C PRO B 83 -19.52 0.08 -11.32
N ASP B 84 -18.88 -1.07 -11.56
CA ASP B 84 -19.45 -2.05 -12.47
C ASP B 84 -20.70 -2.70 -11.87
N VAL B 85 -20.81 -2.69 -10.55
CA VAL B 85 -21.96 -3.31 -9.89
C VAL B 85 -23.25 -2.56 -10.12
N LEU B 86 -23.18 -1.25 -10.36
CA LEU B 86 -24.37 -0.42 -10.45
C LEU B 86 -24.67 0.03 -11.87
N THR B 87 -23.98 -0.49 -12.87
CA THR B 87 -24.11 0.09 -14.19
C THR B 87 -25.27 -0.49 -14.99
N GLU B 88 -26.04 -1.43 -14.45
CA GLU B 88 -27.19 -1.99 -15.14
C GLU B 88 -28.47 -1.88 -14.33
N VAL B 89 -28.46 -1.16 -13.22
CA VAL B 89 -29.62 -1.06 -12.35
C VAL B 89 -29.97 0.41 -12.15
N GLY B 90 -31.27 0.70 -12.16
CA GLY B 90 -31.75 2.02 -11.79
C GLY B 90 -31.46 3.08 -12.85
N VAL B 91 -31.71 4.33 -12.46
CA VAL B 91 -31.42 5.45 -13.35
C VAL B 91 -29.92 5.73 -13.41
N PHE B 92 -29.18 5.33 -12.37
CA PHE B 92 -27.73 5.38 -12.44
C PHE B 92 -27.19 4.41 -13.48
N GLY B 93 -27.90 3.32 -13.72
CA GLY B 93 -27.57 2.46 -14.84
C GLY B 93 -27.89 3.07 -16.19
N GLN B 94 -28.73 4.08 -16.22
CA GLN B 94 -29.07 4.75 -17.47
C GLN B 94 -28.19 5.95 -17.75
N ASN B 95 -27.87 6.75 -16.74
CA ASN B 95 -26.99 7.89 -16.94
C ASN B 95 -25.57 7.45 -17.23
N ALA B 96 -25.16 6.29 -16.75
CA ALA B 96 -23.85 5.76 -17.08
C ALA B 96 -23.81 5.08 -18.44
N GLN B 97 -24.96 4.90 -19.08
CA GLN B 97 -24.99 4.37 -20.44
C GLN B 97 -25.18 5.43 -21.50
N PHE B 98 -25.72 6.59 -21.13
CA PHE B 98 -25.96 7.66 -22.08
C PHE B 98 -24.91 8.75 -22.05
N HIS B 99 -23.87 8.60 -21.24
CA HIS B 99 -22.85 9.63 -21.13
C HIS B 99 -21.47 9.06 -21.39
N TYR B 100 -20.48 9.94 -21.39
CA TYR B 100 -19.10 9.57 -21.63
C TYR B 100 -18.25 9.68 -20.39
N LEU B 101 -18.56 10.63 -19.50
CA LEU B 101 -17.79 10.85 -18.29
C LEU B 101 -18.70 10.80 -17.08
N TYR B 102 -18.19 10.26 -15.98
CA TYR B 102 -18.88 10.31 -14.70
C TYR B 102 -17.87 10.65 -13.62
N ARG B 103 -18.39 10.99 -12.44
CA ARG B 103 -17.57 11.26 -11.27
C ARG B 103 -18.46 11.17 -10.04
N SER B 104 -18.11 10.27 -9.11
CA SER B 104 -18.96 10.05 -7.96
C SER B 104 -18.15 9.40 -6.84
N GLY B 105 -18.55 9.71 -5.61
CA GLY B 105 -18.09 8.98 -4.45
C GLY B 105 -19.01 7.81 -4.15
N PHE B 106 -18.77 7.16 -3.02
CA PHE B 106 -19.56 6.00 -2.65
C PHE B 106 -19.69 5.94 -1.12
N CYS B 107 -20.54 5.02 -0.67
CA CYS B 107 -20.73 4.74 0.75
C CYS B 107 -21.17 3.30 0.88
N VAL B 108 -20.26 2.45 1.34
CA VAL B 108 -20.47 1.01 1.36
C VAL B 108 -20.97 0.61 2.74
N HIS B 109 -21.97 -0.27 2.78
CA HIS B 109 -22.51 -0.78 4.04
C HIS B 109 -22.76 -2.28 3.89
N VAL B 110 -22.11 -3.07 4.73
CA VAL B 110 -22.19 -4.52 4.67
C VAL B 110 -22.87 -5.02 5.93
N GLN B 111 -23.92 -5.82 5.77
CA GLN B 111 -24.64 -6.38 6.91
C GLN B 111 -24.43 -7.89 6.96
N CYS B 112 -24.15 -8.41 8.15
CA CYS B 112 -24.11 -9.84 8.39
C CYS B 112 -24.34 -10.06 9.88
N ASN B 113 -25.42 -10.73 10.24
CA ASN B 113 -25.82 -10.86 11.63
C ASN B 113 -25.91 -12.33 12.04
N ALA B 114 -25.54 -12.59 13.29
CA ALA B 114 -25.62 -13.93 13.85
C ALA B 114 -25.92 -13.81 15.34
N SER B 115 -26.22 -14.94 15.96
CA SER B 115 -26.65 -14.95 17.34
C SER B 115 -25.45 -14.92 18.28
N LYS B 116 -25.72 -15.11 19.57
CA LYS B 116 -24.69 -15.03 20.59
C LYS B 116 -23.98 -16.36 20.81
N PHE B 117 -24.27 -17.39 20.02
CA PHE B 117 -23.64 -18.68 20.18
C PHE B 117 -22.77 -19.06 18.99
N HIS B 118 -22.65 -18.19 18.00
CA HIS B 118 -21.78 -18.39 16.86
C HIS B 118 -20.47 -17.63 17.07
N GLN B 119 -19.53 -17.86 16.16
CA GLN B 119 -18.26 -17.15 16.22
C GLN B 119 -17.66 -17.03 14.83
N GLY B 120 -16.91 -15.97 14.61
CA GLY B 120 -16.30 -15.71 13.33
C GLY B 120 -15.88 -14.26 13.22
N ALA B 121 -15.10 -13.98 12.19
CA ALA B 121 -14.59 -12.63 11.98
C ALA B 121 -14.43 -12.37 10.50
N LEU B 122 -14.94 -11.24 10.04
CA LEU B 122 -14.81 -10.81 8.66
C LEU B 122 -13.93 -9.58 8.59
N LEU B 123 -13.12 -9.49 7.55
CA LEU B 123 -12.30 -8.32 7.28
C LEU B 123 -12.80 -7.66 6.01
N VAL B 124 -13.45 -6.50 6.14
CA VAL B 124 -13.90 -5.73 5.00
C VAL B 124 -12.81 -4.71 4.72
N ALA B 125 -12.58 -4.42 3.45
CA ALA B 125 -11.54 -3.50 3.02
C ALA B 125 -11.84 -2.99 1.63
N VAL B 126 -11.54 -1.72 1.40
CA VAL B 126 -11.70 -1.10 0.09
C VAL B 126 -10.29 -0.91 -0.46
N LEU B 127 -10.05 -1.42 -1.67
CA LEU B 127 -8.72 -1.40 -2.27
C LEU B 127 -8.79 -0.74 -3.63
N PRO B 128 -8.14 0.40 -3.83
CA PRO B 128 -8.21 1.06 -5.13
C PRO B 128 -7.20 0.48 -6.12
N GLU B 129 -7.60 0.47 -7.39
CA GLU B 129 -6.83 -0.09 -8.51
C GLU B 129 -6.46 -1.54 -8.26
N TYR B 130 -7.48 -2.35 -8.02
CA TYR B 130 -7.31 -3.78 -7.77
C TYR B 130 -7.18 -4.46 -9.12
N VAL B 131 -5.94 -4.68 -9.55
CA VAL B 131 -5.67 -5.35 -10.81
C VAL B 131 -5.45 -6.83 -10.53
N LEU B 132 -6.30 -7.67 -11.11
CA LEU B 132 -6.22 -9.11 -10.90
C LEU B 132 -5.13 -9.71 -11.76
N GLY B 133 -4.72 -10.92 -11.41
CA GLY B 133 -3.77 -11.69 -12.18
C GLY B 133 -4.20 -13.14 -12.28
N THR B 134 -3.41 -13.91 -13.01
CA THR B 134 -3.64 -15.33 -13.18
C THR B 134 -2.59 -16.12 -12.41
N ILE B 135 -2.64 -17.44 -12.55
CA ILE B 135 -1.63 -18.30 -11.96
C ILE B 135 -0.59 -18.64 -13.01
N ALA B 136 -0.74 -18.00 -14.18
CA ALA B 136 0.21 -18.06 -15.30
C ALA B 136 0.43 -19.49 -15.80
N GLY B 137 -0.66 -20.24 -15.93
CA GLY B 137 -0.59 -21.57 -16.45
C GLY B 137 -0.05 -22.61 -15.48
N GLY B 138 -0.07 -22.34 -14.18
CA GLY B 138 0.36 -23.31 -13.20
C GLY B 138 1.86 -23.37 -13.00
N THR B 139 2.59 -23.69 -14.06
CA THR B 139 4.04 -23.78 -13.97
C THR B 139 4.73 -22.44 -14.14
N GLY B 140 4.03 -21.42 -14.61
CA GLY B 140 4.56 -20.07 -14.62
C GLY B 140 5.16 -19.60 -15.93
N ASN B 141 4.98 -20.36 -17.02
CA ASN B 141 5.56 -19.97 -18.29
C ASN B 141 4.55 -19.35 -19.25
N GLU B 142 3.27 -19.49 -18.99
CA GLU B 142 2.22 -18.93 -19.83
C GLU B 142 1.95 -17.49 -19.43
N ASN B 143 1.79 -16.61 -20.43
CA ASN B 143 1.34 -15.24 -20.21
C ASN B 143 -0.17 -15.24 -20.29
N SER B 144 -0.80 -15.82 -19.27
CA SER B 144 -2.26 -15.90 -19.21
C SER B 144 -2.85 -14.54 -18.88
N HIS B 145 -4.14 -14.41 -19.16
CA HIS B 145 -4.87 -13.19 -18.84
C HIS B 145 -6.26 -13.54 -18.35
N PRO B 146 -6.79 -12.76 -17.41
CA PRO B 146 -8.14 -13.04 -16.92
C PRO B 146 -9.18 -12.68 -17.96
N PRO B 147 -10.25 -13.45 -18.07
CA PRO B 147 -11.30 -13.12 -19.05
C PRO B 147 -12.17 -11.97 -18.57
N TYR B 148 -13.10 -11.58 -19.44
CA TYR B 148 -13.97 -10.45 -19.14
C TYR B 148 -14.98 -10.77 -18.05
N ALA B 149 -15.35 -12.05 -17.91
CA ALA B 149 -16.29 -12.43 -16.88
C ALA B 149 -15.66 -12.40 -15.50
N THR B 150 -14.34 -12.53 -15.41
CA THR B 150 -13.66 -12.50 -14.12
C THR B 150 -13.37 -11.08 -13.66
N THR B 151 -12.88 -10.23 -14.57
CA THR B 151 -12.45 -8.90 -14.18
C THR B 151 -13.61 -7.97 -13.88
N GLN B 152 -14.76 -8.15 -14.52
CA GLN B 152 -15.92 -7.30 -14.32
C GLN B 152 -17.13 -8.21 -14.18
N PRO B 153 -17.39 -8.70 -12.98
CA PRO B 153 -18.47 -9.69 -12.79
C PRO B 153 -19.87 -9.10 -12.81
N GLY B 154 -20.02 -7.80 -12.61
CA GLY B 154 -21.34 -7.23 -12.50
C GLY B 154 -21.81 -7.16 -11.06
N GLN B 155 -23.13 -7.12 -10.90
CA GLN B 155 -23.72 -7.00 -9.57
C GLN B 155 -23.83 -8.32 -8.83
N VAL B 156 -23.28 -9.40 -9.38
CA VAL B 156 -23.26 -10.67 -8.67
C VAL B 156 -22.00 -10.78 -7.81
N GLY B 157 -20.85 -10.52 -8.40
CA GLY B 157 -19.58 -10.64 -7.72
C GLY B 157 -19.01 -12.05 -7.83
N ALA B 158 -17.69 -12.11 -7.80
CA ALA B 158 -16.99 -13.38 -7.98
C ALA B 158 -16.27 -13.78 -6.71
N VAL B 159 -15.91 -15.05 -6.64
CA VAL B 159 -15.26 -15.62 -5.47
C VAL B 159 -13.76 -15.61 -5.71
N LEU B 160 -13.00 -15.78 -4.63
CA LEU B 160 -11.55 -15.80 -4.72
C LEU B 160 -11.03 -17.23 -4.77
N THR B 161 -9.88 -17.41 -5.42
CA THR B 161 -9.28 -18.72 -5.59
C THR B 161 -8.11 -18.96 -4.65
N HIS B 162 -7.14 -18.06 -4.63
CA HIS B 162 -6.03 -18.10 -3.67
C HIS B 162 -6.13 -16.84 -2.84
N PRO B 163 -6.85 -16.87 -1.72
CA PRO B 163 -7.06 -15.65 -0.95
C PRO B 163 -5.84 -15.22 -0.15
N TYR B 164 -4.85 -16.10 0.02
CA TYR B 164 -3.66 -15.73 0.78
C TYR B 164 -2.81 -14.71 0.02
N VAL B 165 -2.89 -14.70 -1.30
CA VAL B 165 -2.17 -13.74 -2.13
C VAL B 165 -3.13 -12.78 -2.83
N LEU B 166 -4.42 -12.82 -2.51
CA LEU B 166 -5.48 -11.95 -3.02
C LEU B 166 -5.63 -12.01 -4.54
N ASP B 167 -5.15 -13.08 -5.17
CA ASP B 167 -5.07 -13.26 -6.63
C ASP B 167 -4.37 -12.11 -7.35
N ALA B 168 -3.47 -11.40 -6.65
CA ALA B 168 -2.73 -10.31 -7.27
C ALA B 168 -1.29 -10.26 -6.80
N GLY B 169 -0.82 -11.26 -6.05
CA GLY B 169 0.56 -11.31 -5.65
C GLY B 169 0.93 -10.55 -4.39
N ILE B 170 -0.02 -9.90 -3.74
CA ILE B 170 0.27 -9.20 -2.50
C ILE B 170 -0.36 -9.98 -1.35
N PRO B 171 0.28 -10.05 -0.18
CA PRO B 171 -0.25 -10.91 0.88
C PRO B 171 -1.40 -10.26 1.62
N LEU B 172 -2.21 -11.11 2.25
CA LEU B 172 -3.35 -10.64 3.01
C LEU B 172 -2.92 -9.96 4.30
N SER B 173 -1.70 -10.25 4.75
CA SER B 173 -1.27 -9.93 6.12
C SER B 173 -1.13 -8.43 6.35
N GLN B 174 -1.02 -7.65 5.30
CA GLN B 174 -0.90 -6.19 5.42
C GLN B 174 -1.94 -5.47 4.59
N LEU B 175 -3.13 -6.06 4.47
CA LEU B 175 -4.21 -5.42 3.73
C LEU B 175 -4.83 -4.25 4.49
N THR B 176 -4.57 -4.15 5.79
CA THR B 176 -5.20 -3.14 6.62
C THR B 176 -4.63 -1.74 6.42
N VAL B 177 -3.62 -1.57 5.56
CA VAL B 177 -3.13 -0.23 5.24
C VAL B 177 -4.14 0.55 4.41
N CYS B 178 -5.00 -0.13 3.69
CA CYS B 178 -6.18 0.44 3.05
C CYS B 178 -7.23 0.74 4.10
N PRO B 179 -8.22 1.59 3.79
CA PRO B 179 -9.32 1.79 4.73
C PRO B 179 -10.14 0.52 4.90
N HIS B 180 -10.49 0.20 6.15
CA HIS B 180 -10.98 -1.12 6.45
C HIS B 180 -11.75 -1.08 7.76
N GLN B 181 -12.52 -2.14 8.00
CA GLN B 181 -13.20 -2.36 9.27
C GLN B 181 -13.33 -3.85 9.50
N TRP B 182 -13.80 -4.22 10.68
CA TRP B 182 -14.00 -5.61 11.05
C TRP B 182 -15.45 -5.87 11.40
N ILE B 183 -15.92 -7.07 11.06
CA ILE B 183 -17.22 -7.55 11.50
C ILE B 183 -16.95 -8.75 12.39
N ASN B 184 -16.83 -8.51 13.68
CA ASN B 184 -16.64 -9.57 14.66
C ASN B 184 -18.00 -9.97 15.19
N LEU B 185 -18.30 -11.27 15.16
CA LEU B 185 -19.66 -11.72 15.41
C LEU B 185 -20.07 -11.65 16.87
N ARG B 186 -19.14 -11.35 17.78
CA ARG B 186 -19.54 -11.23 19.18
C ARG B 186 -19.80 -9.79 19.60
N THR B 187 -19.42 -8.80 18.79
CA THR B 187 -19.68 -7.39 19.14
C THR B 187 -20.66 -6.72 18.21
N ASN B 188 -20.39 -6.70 16.91
CA ASN B 188 -21.21 -5.94 15.98
C ASN B 188 -21.67 -6.84 14.85
N ASN B 189 -22.41 -6.24 13.91
CA ASN B 189 -22.95 -6.99 12.78
C ASN B 189 -22.89 -6.20 11.49
N CYS B 190 -22.25 -5.04 11.47
CA CYS B 190 -22.19 -4.26 10.25
C CYS B 190 -20.87 -3.54 10.17
N ALA B 191 -20.55 -3.09 8.95
CA ALA B 191 -19.36 -2.30 8.70
C ALA B 191 -19.65 -1.29 7.61
N THR B 192 -19.09 -0.10 7.74
CA THR B 192 -19.42 1.01 6.85
C THR B 192 -18.19 1.86 6.55
N ILE B 193 -17.97 2.12 5.26
CA ILE B 193 -16.85 2.93 4.80
C ILE B 193 -17.42 4.00 3.86
N ILE B 194 -16.88 5.21 3.93
CA ILE B 194 -17.22 6.28 3.00
C ILE B 194 -15.99 6.58 2.17
N VAL B 195 -16.09 6.40 0.85
CA VAL B 195 -14.96 6.50 -0.06
C VAL B 195 -15.15 7.74 -0.92
N PRO B 196 -14.16 8.61 -1.04
CA PRO B 196 -14.23 9.72 -1.99
C PRO B 196 -13.76 9.27 -3.37
N TYR B 197 -13.74 10.20 -4.31
CA TYR B 197 -13.33 9.90 -5.67
C TYR B 197 -11.83 10.04 -5.80
N MET B 198 -11.16 8.95 -6.17
CA MET B 198 -9.70 8.89 -6.24
C MET B 198 -9.28 8.42 -7.63
N ASN B 199 -8.79 9.35 -8.45
CA ASN B 199 -8.28 9.02 -9.77
C ASN B 199 -7.34 10.14 -10.21
N THR B 200 -6.51 9.83 -11.20
CA THR B 200 -5.55 10.80 -11.71
C THR B 200 -6.20 11.85 -12.61
N VAL B 201 -7.38 11.58 -13.12
CA VAL B 201 -8.10 12.50 -14.00
C VAL B 201 -9.43 12.86 -13.33
N PRO B 202 -9.96 14.06 -13.54
CA PRO B 202 -11.16 14.46 -12.79
C PRO B 202 -12.43 13.73 -13.21
N PHE B 203 -12.53 13.29 -14.46
CA PHE B 203 -13.66 12.51 -14.92
C PHE B 203 -13.13 11.27 -15.62
N ASP B 204 -13.97 10.25 -15.73
CA ASP B 204 -13.55 9.04 -16.44
C ASP B 204 -14.77 8.31 -16.99
N SER B 205 -14.51 7.38 -17.89
CA SER B 205 -15.56 6.52 -18.41
C SER B 205 -15.95 5.49 -17.36
N ALA B 206 -17.21 5.08 -17.39
CA ALA B 206 -17.70 4.10 -16.44
C ALA B 206 -17.70 2.68 -16.99
N LEU B 207 -17.49 2.51 -18.29
CA LEU B 207 -17.55 1.19 -18.89
C LEU B 207 -16.17 0.59 -19.17
N ASN B 208 -15.12 1.38 -19.09
CA ASN B 208 -13.77 0.89 -19.37
C ASN B 208 -12.83 1.03 -18.19
N HIS B 209 -13.25 1.70 -17.13
CA HIS B 209 -12.41 1.91 -15.96
C HIS B 209 -13.18 1.49 -14.73
N CYS B 210 -12.50 0.82 -13.80
CA CYS B 210 -13.07 0.43 -12.53
C CYS B 210 -12.16 0.95 -11.43
N ASN B 211 -12.71 1.82 -10.57
CA ASN B 211 -11.88 2.56 -9.63
C ASN B 211 -11.32 1.67 -8.54
N PHE B 212 -12.19 1.06 -7.73
CA PHE B 212 -11.71 0.28 -6.61
C PHE B 212 -12.43 -1.05 -6.56
N GLY B 213 -11.92 -1.93 -5.73
CA GLY B 213 -12.55 -3.21 -5.45
C GLY B 213 -12.87 -3.30 -3.97
N LEU B 214 -13.98 -3.95 -3.65
CA LEU B 214 -14.38 -4.18 -2.28
C LEU B 214 -14.19 -5.65 -1.97
N LEU B 215 -13.44 -5.94 -0.91
CA LEU B 215 -13.09 -7.32 -0.56
C LEU B 215 -13.68 -7.67 0.79
N VAL B 216 -14.32 -8.83 0.86
CA VAL B 216 -14.84 -9.39 2.10
C VAL B 216 -14.20 -10.76 2.27
N ILE B 217 -13.27 -10.88 3.21
CA ILE B 217 -12.51 -12.11 3.38
C ILE B 217 -12.67 -12.64 4.80
N PRO B 218 -13.15 -13.88 4.97
CA PRO B 218 -13.25 -14.45 6.32
C PRO B 218 -11.92 -14.92 6.88
N VAL B 219 -11.38 -14.17 7.85
CA VAL B 219 -10.11 -14.55 8.45
C VAL B 219 -10.29 -15.71 9.41
N VAL B 220 -11.15 -15.54 10.41
CA VAL B 220 -11.48 -16.60 11.35
C VAL B 220 -12.69 -17.34 10.78
N PRO B 221 -12.64 -18.68 10.67
CA PRO B 221 -13.76 -19.41 10.07
C PRO B 221 -14.99 -19.41 10.96
N LEU B 222 -16.15 -19.47 10.31
CA LEU B 222 -17.41 -19.53 11.03
C LEU B 222 -17.59 -20.88 11.69
N ASP B 223 -17.95 -20.87 12.97
CA ASP B 223 -18.08 -22.10 13.72
C ASP B 223 -19.28 -22.00 14.64
N PHE B 224 -20.00 -23.11 14.79
CA PHE B 224 -21.15 -23.20 15.67
C PHE B 224 -21.34 -24.65 16.06
N ASN B 225 -22.15 -24.87 17.07
CA ASN B 225 -22.56 -26.22 17.42
C ASN B 225 -23.75 -26.64 16.59
N ALA B 226 -23.88 -27.94 16.40
CA ALA B 226 -24.94 -28.48 15.56
C ALA B 226 -26.32 -28.27 16.19
N GLY B 227 -27.27 -27.81 15.39
CA GLY B 227 -28.59 -27.45 15.86
C GLY B 227 -28.93 -25.99 15.68
N ALA B 228 -27.93 -25.12 15.56
CA ALA B 228 -28.19 -23.70 15.37
C ALA B 228 -28.54 -23.42 13.92
N THR B 229 -28.82 -22.16 13.63
CA THR B 229 -29.15 -21.74 12.26
C THR B 229 -27.90 -21.80 11.41
N SER B 230 -27.82 -22.81 10.54
CA SER B 230 -26.65 -23.05 9.71
C SER B 230 -26.65 -22.24 8.43
N GLU B 231 -27.53 -21.25 8.31
CA GLU B 231 -27.65 -20.43 7.11
C GLU B 231 -27.28 -19.00 7.51
N ILE B 232 -26.04 -18.60 7.24
CA ILE B 232 -25.56 -17.28 7.57
C ILE B 232 -25.41 -16.49 6.27
N PRO B 233 -26.25 -15.50 6.03
CA PRO B 233 -26.13 -14.73 4.79
C PRO B 233 -25.31 -13.45 4.95
N ILE B 234 -24.86 -12.89 3.83
CA ILE B 234 -24.12 -11.63 3.79
C ILE B 234 -24.74 -10.77 2.71
N THR B 235 -25.06 -9.52 3.05
CA THR B 235 -25.72 -8.62 2.12
C THR B 235 -25.01 -7.27 2.08
N VAL B 236 -24.71 -6.79 0.88
CA VAL B 236 -23.97 -5.56 0.65
C VAL B 236 -24.93 -4.50 0.14
N THR B 237 -24.83 -3.29 0.71
CA THR B 237 -25.67 -2.17 0.31
C THR B 237 -24.79 -0.95 0.11
N ILE B 238 -24.93 -0.29 -1.05
CA ILE B 238 -24.06 0.81 -1.43
C ILE B 238 -24.90 2.00 -1.89
N ALA B 239 -24.26 3.15 -1.99
CA ALA B 239 -24.94 4.38 -2.37
C ALA B 239 -23.96 5.41 -2.92
N PRO B 240 -24.20 5.91 -4.14
CA PRO B 240 -23.36 7.01 -4.64
C PRO B 240 -23.67 8.29 -3.89
N MET B 241 -22.70 9.20 -3.89
CA MET B 241 -22.78 10.37 -3.03
C MET B 241 -22.96 11.68 -3.78
N CYS B 242 -22.07 12.01 -4.71
CA CYS B 242 -22.06 13.32 -5.36
C CYS B 242 -21.91 13.17 -6.85
N ALA B 243 -22.77 12.34 -7.45
CA ALA B 243 -22.59 11.91 -8.83
C ALA B 243 -22.81 13.05 -9.82
N GLU B 244 -21.89 13.18 -10.76
CA GLU B 244 -21.99 14.09 -11.88
C GLU B 244 -21.76 13.32 -13.17
N PHE B 245 -22.26 13.86 -14.28
CA PHE B 245 -22.09 13.23 -15.58
C PHE B 245 -21.90 14.31 -16.63
N ALA B 246 -21.28 13.95 -17.75
CA ALA B 246 -21.07 14.89 -18.84
C ALA B 246 -20.88 14.11 -20.14
N GLY B 247 -20.91 14.84 -21.26
CA GLY B 247 -20.64 14.23 -22.55
C GLY B 247 -21.73 13.31 -23.05
N LEU B 248 -22.87 13.87 -23.44
CA LEU B 248 -24.02 13.05 -23.82
C LEU B 248 -23.83 12.45 -25.21
N ARG B 249 -24.21 11.18 -25.33
CA ARG B 249 -24.15 10.40 -26.57
C ARG B 249 -25.19 9.28 -26.48
N GLN B 250 -25.55 8.67 -27.60
CA GLN B 250 -26.54 7.61 -27.57
C GLN B 250 -26.10 6.47 -26.67
N ALA B 251 -27.05 5.59 -26.34
CA ALA B 251 -26.82 4.52 -25.39
C ALA B 251 -25.85 3.48 -25.93
N VAL B 252 -24.77 3.24 -25.20
CA VAL B 252 -23.83 2.15 -25.46
C VAL B 252 -23.66 1.40 -24.15
N LYS B 253 -23.97 0.10 -24.16
CA LYS B 253 -23.95 -0.64 -22.91
C LYS B 253 -22.53 -1.02 -22.48
N GLN B 254 -21.70 -1.43 -23.43
CA GLN B 254 -20.33 -1.82 -23.13
C GLN B 254 -19.46 -1.70 -24.37
N GLY C 1 41.38 32.57 -19.34
CA GLY C 1 40.36 32.64 -18.32
C GLY C 1 40.88 32.47 -16.90
N ILE C 2 40.06 31.85 -16.06
CA ILE C 2 40.41 31.72 -14.64
C ILE C 2 41.23 30.46 -14.45
N PRO C 3 42.35 30.49 -13.73
CA PRO C 3 43.12 29.25 -13.51
C PRO C 3 42.40 28.33 -12.53
N THR C 4 42.34 27.03 -12.89
CA THR C 4 41.76 26.01 -12.03
C THR C 4 42.66 24.78 -11.99
N GLU C 5 42.29 23.82 -11.13
CA GLU C 5 42.86 22.48 -11.16
C GLU C 5 41.73 21.50 -10.93
N LEU C 6 41.89 20.27 -11.44
CA LEU C 6 40.96 19.21 -11.13
C LEU C 6 41.49 18.38 -9.97
N LYS C 7 40.66 18.19 -8.96
CA LYS C 7 40.98 17.45 -7.77
C LYS C 7 40.68 15.97 -7.95
N PRO C 8 41.10 15.11 -7.02
CA PRO C 8 40.58 13.74 -7.01
C PRO C 8 39.08 13.72 -6.78
N GLY C 9 38.43 12.72 -7.36
CA GLY C 9 36.98 12.68 -7.43
C GLY C 9 36.42 13.13 -8.75
N THR C 10 37.26 13.31 -9.75
CA THR C 10 36.84 13.77 -11.06
C THR C 10 36.35 12.58 -11.89
N ASN C 11 35.29 12.82 -12.67
CA ASN C 11 34.76 11.89 -13.67
C ASN C 11 34.26 10.59 -13.06
N GLN C 12 33.82 10.63 -11.82
CA GLN C 12 33.21 9.47 -11.19
C GLN C 12 31.69 9.58 -11.25
N PHE C 13 31.02 8.44 -11.29
CA PHE C 13 29.57 8.41 -11.30
C PHE C 13 29.11 7.90 -9.95
N LEU C 14 28.75 8.82 -9.07
CA LEU C 14 28.28 8.48 -7.73
C LEU C 14 26.75 8.43 -7.75
N THR C 15 26.19 7.28 -7.38
CA THR C 15 24.76 7.06 -7.58
C THR C 15 23.90 7.85 -6.61
N THR C 16 24.39 8.14 -5.41
CA THR C 16 23.63 8.94 -4.46
C THR C 16 24.08 10.40 -4.44
N ASP C 17 24.75 10.85 -5.49
CA ASP C 17 25.17 12.24 -5.57
C ASP C 17 24.03 13.09 -6.08
N ASP C 18 23.93 14.31 -5.57
CA ASP C 18 22.88 15.24 -5.95
C ASP C 18 23.53 16.42 -6.65
N GLY C 19 23.16 16.63 -7.91
CA GLY C 19 23.71 17.73 -8.67
C GLY C 19 22.74 18.29 -9.68
N VAL C 20 23.22 19.16 -10.55
CA VAL C 20 22.40 19.83 -11.55
C VAL C 20 22.76 19.26 -12.91
N SER C 21 21.76 18.85 -13.68
CA SER C 21 21.99 18.27 -14.98
C SER C 21 21.30 19.11 -16.05
N ALA C 22 21.69 18.87 -17.29
CA ALA C 22 21.18 19.68 -18.39
C ALA C 22 19.81 19.17 -18.81
N PRO C 23 18.88 20.05 -19.17
CA PRO C 23 17.55 19.59 -19.61
C PRO C 23 17.52 19.32 -21.10
N ILE C 24 16.50 18.58 -21.51
CA ILE C 24 16.36 18.22 -22.92
C ILE C 24 15.22 18.95 -23.62
N LEU C 25 14.28 19.51 -22.87
CA LEU C 25 13.11 20.17 -23.46
C LEU C 25 13.02 21.59 -22.95
N PRO C 26 13.44 22.57 -23.73
CA PRO C 26 13.36 23.97 -23.28
C PRO C 26 11.94 24.51 -23.42
N GLY C 27 11.49 25.19 -22.37
CA GLY C 27 10.18 25.78 -22.36
C GLY C 27 9.04 24.83 -22.11
N PHE C 28 9.32 23.59 -21.71
CA PHE C 28 8.27 22.61 -21.48
C PHE C 28 7.47 22.96 -20.22
N HIS C 29 6.19 22.63 -20.24
CA HIS C 29 5.34 22.81 -19.07
C HIS C 29 4.59 21.52 -18.77
N PRO C 30 4.53 21.10 -17.52
CA PRO C 30 3.84 19.86 -17.19
C PRO C 30 2.33 20.07 -17.13
N THR C 31 1.63 18.96 -16.96
CA THR C 31 0.21 19.02 -16.70
C THR C 31 -0.02 19.58 -15.29
N PRO C 32 -0.96 20.51 -15.13
CA PRO C 32 -1.21 21.09 -13.80
C PRO C 32 -1.79 20.06 -12.86
N PRO C 33 -1.36 20.06 -11.60
CA PRO C 33 -1.78 19.00 -10.69
C PRO C 33 -3.16 19.26 -10.11
N ILE C 34 -3.87 18.18 -9.83
CA ILE C 34 -5.16 18.26 -9.18
C ILE C 34 -5.04 17.68 -7.77
N HIS C 35 -6.05 17.92 -6.95
CA HIS C 35 -6.02 17.45 -5.58
C HIS C 35 -6.44 15.99 -5.53
N ILE C 36 -5.51 15.12 -5.14
CA ILE C 36 -5.77 13.69 -5.02
C ILE C 36 -5.63 13.31 -3.56
N PRO C 37 -6.63 12.65 -2.96
CA PRO C 37 -6.59 12.42 -1.52
C PRO C 37 -5.63 11.31 -1.13
N GLY C 38 -5.04 11.47 0.05
CA GLY C 38 -4.16 10.45 0.60
C GLY C 38 -2.69 10.65 0.27
N GLU C 39 -2.20 11.87 0.45
CA GLU C 39 -0.80 12.16 0.12
C GLU C 39 0.12 11.74 1.25
N VAL C 40 1.18 11.02 0.89
CA VAL C 40 2.18 10.57 1.85
C VAL C 40 3.36 11.50 1.79
N HIS C 41 3.67 12.15 2.92
CA HIS C 41 4.83 13.01 3.02
C HIS C 41 6.04 12.35 3.64
N ASN C 42 5.85 11.28 4.40
CA ASN C 42 6.92 10.68 5.17
C ASN C 42 6.61 9.20 5.32
N LEU C 43 7.65 8.37 5.34
CA LEU C 43 7.40 6.94 5.44
C LEU C 43 7.02 6.48 6.84
N LEU C 44 7.10 7.36 7.84
CA LEU C 44 6.71 6.96 9.18
C LEU C 44 5.21 7.03 9.39
N GLU C 45 4.46 7.57 8.43
CA GLU C 45 3.01 7.55 8.54
C GLU C 45 2.45 6.18 8.26
N ILE C 46 3.18 5.35 7.51
CA ILE C 46 2.71 4.00 7.24
C ILE C 46 3.04 3.07 8.41
N CYS C 47 4.14 3.34 9.12
CA CYS C 47 4.60 2.42 10.17
C CYS C 47 3.73 2.47 11.42
N ARG C 48 2.82 3.43 11.55
CA ARG C 48 1.92 3.45 12.68
C ARG C 48 0.60 2.75 12.41
N VAL C 49 0.41 2.19 11.23
CA VAL C 49 -0.81 1.49 10.88
C VAL C 49 -0.63 0.01 11.21
N GLU C 50 -1.57 -0.56 11.97
CA GLU C 50 -1.43 -1.94 12.38
C GLU C 50 -1.72 -2.89 11.22
N THR C 51 -0.92 -3.93 11.10
CA THR C 51 -1.20 -5.03 10.20
C THR C 51 -1.16 -6.33 10.98
N ILE C 52 -1.53 -7.42 10.31
CA ILE C 52 -1.70 -8.70 10.99
C ILE C 52 -0.34 -9.36 11.16
N LEU C 53 -0.12 -9.95 12.34
CA LEU C 53 1.10 -10.67 12.65
C LEU C 53 0.89 -12.17 12.42
N GLU C 54 1.89 -12.82 11.83
CA GLU C 54 1.81 -14.24 11.54
C GLU C 54 2.49 -15.03 12.66
N VAL C 55 1.73 -15.28 13.72
CA VAL C 55 2.31 -15.99 14.85
C VAL C 55 2.42 -17.48 14.59
N ASN C 56 1.41 -18.08 13.97
CA ASN C 56 1.36 -19.52 13.81
C ASN C 56 2.03 -19.97 12.52
N ASN C 57 3.33 -19.71 12.40
CA ASN C 57 4.08 -20.07 11.19
C ASN C 57 4.79 -21.41 11.38
N LEU C 58 4.00 -22.47 11.34
CA LEU C 58 4.51 -23.82 11.50
C LEU C 58 4.91 -24.41 10.16
N LYS C 59 5.58 -25.57 10.23
CA LYS C 59 6.02 -26.23 9.01
C LYS C 59 4.88 -26.97 8.32
N THR C 60 3.81 -27.29 9.04
CA THR C 60 2.69 -28.00 8.42
C THR C 60 1.70 -27.06 7.77
N ASN C 61 1.81 -25.76 8.02
CA ASN C 61 0.88 -24.78 7.47
C ASN C 61 1.37 -24.16 6.17
N GLU C 62 2.24 -24.83 5.43
CA GLU C 62 2.76 -24.27 4.20
C GLU C 62 1.88 -24.54 2.99
N THR C 63 1.00 -25.52 3.05
CA THR C 63 0.08 -25.82 1.96
C THR C 63 -1.30 -25.26 2.22
N THR C 64 -1.58 -24.82 3.44
CA THR C 64 -2.84 -24.17 3.76
C THR C 64 -2.57 -22.86 4.50
N PRO C 65 -1.98 -21.87 3.83
CA PRO C 65 -1.43 -20.72 4.56
C PRO C 65 -2.47 -19.71 5.04
N MET C 66 -3.76 -20.00 4.94
CA MET C 66 -4.76 -19.12 5.54
C MET C 66 -4.86 -19.28 7.04
N GLN C 67 -4.34 -20.37 7.58
CA GLN C 67 -4.41 -20.62 9.01
C GLN C 67 -3.28 -20.00 9.80
N ARG C 68 -2.29 -19.41 9.12
CA ARG C 68 -1.14 -18.85 9.82
C ARG C 68 -1.44 -17.51 10.48
N LEU C 69 -2.60 -16.92 10.22
CA LEU C 69 -2.95 -15.64 10.81
C LEU C 69 -3.68 -15.76 12.14
N CYS C 70 -4.20 -16.93 12.47
CA CYS C 70 -4.94 -17.12 13.71
C CYS C 70 -4.32 -18.27 14.49
N PHE C 71 -4.13 -18.06 15.78
CA PHE C 71 -3.62 -19.13 16.61
C PHE C 71 -4.64 -19.49 17.69
N PRO C 72 -4.83 -20.77 17.98
CA PRO C 72 -5.99 -21.19 18.76
C PRO C 72 -5.75 -21.12 20.26
N VAL C 73 -6.85 -20.99 20.98
CA VAL C 73 -6.88 -21.06 22.44
C VAL C 73 -8.07 -21.94 22.80
N SER C 74 -7.83 -22.97 23.61
CA SER C 74 -8.84 -23.98 23.88
C SER C 74 -9.01 -24.14 25.38
N VAL C 75 -9.91 -25.04 25.77
CA VAL C 75 -10.11 -25.34 27.18
C VAL C 75 -8.97 -26.21 27.68
N GLN C 76 -8.32 -25.78 28.75
CA GLN C 76 -7.25 -26.54 29.35
C GLN C 76 -7.78 -27.30 30.57
N SER C 77 -7.09 -28.38 30.90
CA SER C 77 -7.36 -29.09 32.15
C SER C 77 -6.44 -28.64 33.27
N LYS C 78 -5.21 -28.26 32.93
CA LYS C 78 -4.24 -27.75 33.89
C LYS C 78 -4.26 -26.23 33.89
N THR C 79 -3.43 -25.66 34.75
CA THR C 79 -3.35 -24.21 34.92
C THR C 79 -1.97 -23.71 34.51
N GLY C 80 -1.94 -22.47 34.01
CA GLY C 80 -0.69 -21.80 33.74
C GLY C 80 0.06 -22.30 32.53
N GLU C 81 -0.64 -22.79 31.52
CA GLU C 81 0.03 -23.15 30.28
C GLU C 81 0.34 -21.89 29.47
N LEU C 82 1.34 -22.01 28.60
CA LEU C 82 1.64 -20.94 27.65
C LEU C 82 1.09 -21.31 26.28
N CYS C 83 0.63 -20.30 25.55
CA CYS C 83 -0.04 -20.54 24.29
C CYS C 83 0.83 -20.19 23.09
N ALA C 84 1.71 -19.19 23.23
CA ALA C 84 2.57 -18.78 22.13
C ALA C 84 3.78 -18.07 22.71
N ALA C 85 4.83 -17.98 21.87
CA ALA C 85 6.05 -17.26 22.22
C ALA C 85 6.80 -16.96 20.92
N PHE C 86 7.40 -15.78 20.86
CA PHE C 86 8.22 -15.40 19.72
C PHE C 86 9.15 -14.27 20.13
N ARG C 87 10.15 -14.02 19.29
CA ARG C 87 11.06 -12.94 19.56
C ARG C 87 10.45 -11.62 19.10
N ALA C 88 10.91 -10.53 19.71
CA ALA C 88 10.39 -9.21 19.40
C ALA C 88 11.29 -8.44 18.44
N ASP C 89 12.07 -9.13 17.62
CA ASP C 89 12.93 -8.47 16.64
C ASP C 89 12.09 -8.14 15.41
N PRO C 90 11.89 -6.86 15.08
CA PRO C 90 11.14 -6.54 13.86
C PRO C 90 11.94 -6.76 12.59
N GLY C 91 13.27 -6.81 12.67
CA GLY C 91 14.09 -7.01 11.50
C GLY C 91 14.49 -8.43 11.22
N ARG C 92 14.57 -9.28 12.24
CA ARG C 92 14.90 -10.67 12.04
C ARG C 92 13.73 -11.38 11.36
N ASP C 93 14.06 -12.44 10.62
CA ASP C 93 13.04 -13.29 10.02
C ASP C 93 12.22 -13.98 11.09
N GLY C 94 10.99 -14.34 10.74
CA GLY C 94 10.06 -14.91 11.68
C GLY C 94 8.70 -14.27 11.54
N PRO C 95 7.97 -14.14 12.67
CA PRO C 95 6.61 -13.60 12.60
C PRO C 95 6.53 -12.14 12.19
N TRP C 96 7.58 -11.36 12.38
CA TRP C 96 7.50 -9.95 12.03
C TRP C 96 7.76 -9.66 10.56
N GLN C 97 8.00 -10.68 9.74
CA GLN C 97 8.28 -10.43 8.33
C GLN C 97 7.01 -10.14 7.55
N SER C 98 5.84 -10.41 8.12
CA SER C 98 4.60 -10.23 7.39
C SER C 98 3.99 -8.86 7.57
N THR C 99 4.62 -7.99 8.33
CA THR C 99 4.03 -6.69 8.65
C THR C 99 4.49 -5.64 7.66
N ILE C 100 3.74 -4.54 7.60
CA ILE C 100 4.21 -3.39 6.84
C ILE C 100 5.33 -2.68 7.57
N LEU C 101 5.47 -2.91 8.87
CA LEU C 101 6.63 -2.40 9.60
C LEU C 101 7.84 -3.29 9.34
N GLY C 102 7.64 -4.61 9.33
CA GLY C 102 8.73 -5.52 9.09
C GLY C 102 9.27 -5.50 7.68
N GLN C 103 8.44 -5.10 6.71
CA GLN C 103 8.93 -4.95 5.36
C GLN C 103 9.56 -3.59 5.12
N LEU C 104 9.19 -2.58 5.90
CA LEU C 104 9.81 -1.27 5.77
C LEU C 104 11.09 -1.15 6.58
N CYS C 105 11.26 -2.00 7.59
CA CYS C 105 12.52 -1.97 8.33
C CYS C 105 13.64 -2.64 7.55
N ARG C 106 13.30 -3.52 6.61
CA ARG C 106 14.30 -4.19 5.80
C ARG C 106 15.01 -3.24 4.84
N TYR C 107 14.38 -2.14 4.46
CA TYR C 107 15.01 -1.14 3.63
C TYR C 107 15.92 -0.22 4.41
N TYR C 108 16.06 -0.41 5.71
CA TYR C 108 16.98 0.37 6.53
C TYR C 108 17.84 -0.58 7.35
N THR C 109 18.67 -0.02 8.21
CA THR C 109 19.54 -0.84 9.04
C THR C 109 19.32 -0.62 10.52
N GLN C 110 19.30 0.62 10.98
CA GLN C 110 19.21 0.91 12.40
C GLN C 110 17.87 1.57 12.73
N TRP C 111 17.29 1.15 13.84
CA TRP C 111 15.98 1.66 14.25
C TRP C 111 15.98 1.94 15.73
N SER C 112 15.01 2.76 16.16
CA SER C 112 14.86 3.12 17.56
C SER C 112 13.40 3.44 17.84
N GLY C 113 13.04 3.44 19.10
CA GLY C 113 11.68 3.71 19.53
C GLY C 113 11.01 2.49 20.12
N SER C 114 9.74 2.68 20.48
CA SER C 114 8.96 1.62 21.08
C SER C 114 7.93 1.07 20.10
N LEU C 115 7.48 -0.14 20.35
CA LEU C 115 6.48 -0.81 19.53
C LEU C 115 5.16 -0.89 20.28
N GLU C 116 4.20 -1.59 19.67
CA GLU C 116 3.00 -2.01 20.37
C GLU C 116 2.45 -3.24 19.66
N VAL C 117 1.83 -4.13 20.44
CA VAL C 117 1.21 -5.33 19.92
C VAL C 117 -0.22 -5.38 20.40
N THR C 118 -1.17 -5.41 19.47
CA THR C 118 -2.59 -5.43 19.80
C THR C 118 -3.14 -6.81 19.52
N PHE C 119 -3.79 -7.40 20.51
CA PHE C 119 -4.46 -8.69 20.36
C PHE C 119 -5.97 -8.45 20.33
N MET C 120 -6.67 -9.29 19.57
CA MET C 120 -8.12 -9.16 19.43
C MET C 120 -8.75 -10.54 19.53
N PHE C 121 -9.69 -10.70 20.45
CA PHE C 121 -10.36 -11.97 20.66
C PHE C 121 -11.48 -12.12 19.64
N ALA C 122 -11.64 -13.33 19.12
CA ALA C 122 -12.64 -13.56 18.08
C ALA C 122 -13.47 -14.79 18.36
N GLY C 123 -13.79 -15.04 19.63
CA GLY C 123 -14.62 -16.16 20.01
C GLY C 123 -16.08 -15.80 20.05
N SER C 124 -16.84 -16.61 20.77
CA SER C 124 -18.27 -16.39 20.91
C SER C 124 -18.55 -15.27 21.90
N PHE C 125 -19.84 -15.05 22.17
CA PHE C 125 -20.20 -14.01 23.13
C PHE C 125 -20.27 -14.55 24.54
N MET C 126 -20.68 -15.79 24.72
CA MET C 126 -20.84 -16.35 26.04
C MET C 126 -19.53 -16.80 26.66
N ALA C 127 -18.46 -16.90 25.88
CA ALA C 127 -17.19 -17.40 26.37
C ALA C 127 -16.46 -16.30 27.13
N THR C 128 -15.59 -16.71 28.05
CA THR C 128 -14.82 -15.78 28.85
C THR C 128 -13.45 -16.36 29.17
N GLY C 129 -12.67 -15.59 29.91
CA GLY C 129 -11.34 -16.02 30.31
C GLY C 129 -10.40 -14.85 30.55
N LYS C 130 -9.21 -15.14 31.08
CA LYS C 130 -8.20 -14.13 31.31
C LYS C 130 -6.85 -14.63 30.86
N MET C 131 -6.09 -13.76 30.19
CA MET C 131 -4.77 -14.10 29.67
C MET C 131 -3.75 -13.14 30.23
N LEU C 132 -2.50 -13.62 30.30
CA LEU C 132 -1.38 -12.83 30.77
C LEU C 132 -0.36 -12.73 29.65
N ILE C 133 0.00 -11.51 29.27
CA ILE C 133 0.91 -11.25 28.17
C ILE C 133 2.14 -10.56 28.74
N ALA C 134 3.29 -11.22 28.67
CA ALA C 134 4.50 -10.73 29.31
C ALA C 134 5.61 -10.52 28.30
N TYR C 135 6.45 -9.51 28.56
CA TYR C 135 7.61 -9.19 27.73
C TYR C 135 8.85 -9.21 28.61
N THR C 136 9.81 -10.05 28.27
CA THR C 136 10.98 -10.25 29.10
C THR C 136 12.21 -9.68 28.43
N PRO C 137 12.94 -8.78 29.09
CA PRO C 137 14.18 -8.23 28.53
C PRO C 137 15.24 -9.31 28.39
N PRO C 138 16.24 -9.12 27.51
CA PRO C 138 17.15 -10.23 27.19
C PRO C 138 18.09 -10.57 28.33
N GLY C 139 18.65 -11.76 28.24
CA GLY C 139 19.51 -12.27 29.29
C GLY C 139 19.07 -13.67 29.68
N GLY C 140 17.77 -13.89 29.65
CA GLY C 140 17.24 -15.22 29.92
C GLY C 140 16.56 -15.80 28.70
N ASN C 141 16.28 -17.10 28.74
CA ASN C 141 15.60 -17.77 27.64
C ASN C 141 14.09 -17.63 27.84
N VAL C 142 13.28 -18.41 27.13
CA VAL C 142 11.84 -18.42 27.40
C VAL C 142 11.61 -19.01 28.79
N PRO C 143 10.72 -18.42 29.59
CA PRO C 143 10.51 -18.93 30.94
C PRO C 143 9.76 -20.26 30.91
N ALA C 144 10.13 -21.14 31.85
CA ALA C 144 9.56 -22.48 31.86
C ALA C 144 8.15 -22.52 32.42
N ASP C 145 7.80 -21.59 33.30
CA ASP C 145 6.49 -21.56 33.92
C ASP C 145 6.01 -20.12 34.04
N ARG C 146 4.78 -19.95 34.54
CA ARG C 146 4.20 -18.62 34.63
C ARG C 146 4.87 -17.79 35.71
N ILE C 147 5.26 -18.41 36.82
CA ILE C 147 5.80 -17.66 37.95
C ILE C 147 7.21 -17.14 37.70
N THR C 148 7.85 -17.55 36.61
CA THR C 148 9.07 -16.90 36.18
C THR C 148 8.76 -15.76 35.22
N ALA C 149 7.78 -15.94 34.36
CA ALA C 149 7.51 -14.98 33.30
C ALA C 149 6.81 -13.72 33.80
N MET C 150 6.22 -13.73 34.99
CA MET C 150 5.51 -12.56 35.46
C MET C 150 6.43 -11.49 36.04
N LEU C 151 7.74 -11.70 36.01
CA LEU C 151 8.66 -10.71 36.57
C LEU C 151 8.92 -9.55 35.63
N GLY C 152 8.85 -9.75 34.33
CA GLY C 152 9.01 -8.68 33.37
C GLY C 152 7.79 -7.80 33.27
N THR C 153 7.75 -6.99 32.21
CA THR C 153 6.60 -6.14 31.95
C THR C 153 5.43 -7.01 31.49
N HIS C 154 4.28 -6.84 32.11
CA HIS C 154 3.16 -7.72 31.80
C HIS C 154 1.85 -7.01 32.02
N VAL C 155 0.83 -7.47 31.30
CA VAL C 155 -0.51 -6.89 31.31
C VAL C 155 -1.51 -8.06 31.37
N ILE C 156 -2.51 -7.95 32.23
CA ILE C 156 -3.53 -8.97 32.38
C ILE C 156 -4.76 -8.56 31.58
N TRP C 157 -5.23 -9.44 30.71
CA TRP C 157 -6.28 -9.18 29.75
C TRP C 157 -7.57 -9.85 30.21
N ASP C 158 -8.69 -9.15 30.08
CA ASP C 158 -9.99 -9.66 30.46
C ASP C 158 -10.93 -9.58 29.26
N PHE C 159 -11.56 -10.70 28.91
CA PHE C 159 -12.52 -10.71 27.82
C PHE C 159 -13.84 -10.09 28.26
N GLY C 160 -14.50 -9.41 27.34
CA GLY C 160 -15.78 -8.80 27.65
C GLY C 160 -16.36 -8.06 26.47
N LEU C 161 -16.84 -6.83 26.71
CA LEU C 161 -17.30 -6.01 25.60
C LEU C 161 -16.13 -5.49 24.77
N GLN C 162 -15.17 -4.84 25.40
CA GLN C 162 -13.96 -4.40 24.74
C GLN C 162 -13.09 -5.62 24.46
N SER C 163 -12.94 -5.97 23.19
CA SER C 163 -12.24 -7.19 22.81
C SER C 163 -10.84 -6.95 22.30
N SER C 164 -10.19 -5.86 22.69
CA SER C 164 -8.83 -5.58 22.25
C SER C 164 -8.01 -4.98 23.38
N VAL C 165 -6.78 -5.45 23.50
CA VAL C 165 -5.84 -4.94 24.49
C VAL C 165 -4.52 -4.69 23.77
N THR C 166 -3.78 -3.69 24.23
CA THR C 166 -2.50 -3.32 23.64
C THR C 166 -1.40 -3.46 24.66
N LEU C 167 -0.51 -4.42 24.44
CA LEU C 167 0.72 -4.51 25.18
C LEU C 167 1.74 -3.64 24.47
N VAL C 168 2.19 -2.59 25.12
CA VAL C 168 3.23 -1.75 24.56
C VAL C 168 4.58 -2.32 24.95
N VAL C 169 5.49 -2.41 23.99
CA VAL C 169 6.83 -2.92 24.23
C VAL C 169 7.76 -1.73 24.36
N PRO C 170 8.14 -1.33 25.57
CA PRO C 170 8.92 -0.11 25.73
C PRO C 170 10.36 -0.28 25.30
N TRP C 171 10.98 0.85 24.97
CA TRP C 171 12.34 0.86 24.43
C TRP C 171 13.32 0.79 25.59
N ILE C 172 13.86 -0.40 25.85
CA ILE C 172 14.87 -0.60 26.88
C ILE C 172 16.08 -1.19 26.18
N SER C 173 17.11 -0.37 25.99
CA SER C 173 18.34 -0.82 25.37
C SER C 173 19.49 0.06 25.82
N ASN C 174 20.70 -0.48 25.66
CA ASN C 174 21.89 0.25 26.07
C ASN C 174 22.32 1.27 25.04
N THR C 175 22.17 0.97 23.75
CA THR C 175 22.55 1.89 22.69
C THR C 175 21.36 2.75 22.28
N HIS C 176 21.67 3.84 21.58
CA HIS C 176 20.60 4.70 21.09
C HIS C 176 19.86 4.06 19.93
N TYR C 177 20.55 3.29 19.11
CA TYR C 177 19.96 2.61 17.97
C TYR C 177 20.27 1.12 18.06
N ARG C 178 19.56 0.34 17.26
CA ARG C 178 19.75 -1.10 17.23
C ARG C 178 19.85 -1.56 15.79
N ALA C 179 20.84 -2.40 15.51
CA ALA C 179 20.91 -2.99 14.19
C ALA C 179 20.01 -4.21 14.11
N HIS C 180 20.05 -4.89 12.97
CA HIS C 180 19.19 -6.04 12.76
C HIS C 180 19.80 -7.28 13.39
N ALA C 181 19.08 -7.86 14.34
CA ALA C 181 19.60 -8.98 15.11
C ALA C 181 19.65 -10.25 14.27
N ARG C 182 20.59 -11.11 14.62
CA ARG C 182 20.88 -12.32 13.86
C ARG C 182 21.74 -13.23 14.72
N ALA C 183 21.79 -14.50 14.34
CA ALA C 183 22.64 -15.46 15.03
C ALA C 183 24.09 -15.18 14.71
N GLY C 184 24.93 -15.16 15.74
CA GLY C 184 26.34 -14.85 15.53
C GLY C 184 26.83 -13.79 16.50
N TYR C 185 27.35 -12.69 15.96
CA TYR C 185 27.76 -11.58 16.82
C TYR C 185 26.65 -10.54 16.96
N PHE C 186 25.74 -10.49 15.99
CA PHE C 186 24.72 -9.45 15.96
C PHE C 186 23.51 -9.77 16.84
N ASP C 187 23.57 -10.86 17.60
CA ASP C 187 22.56 -11.10 18.64
C ASP C 187 22.79 -10.25 19.88
N TYR C 188 23.88 -9.49 19.91
CA TYR C 188 24.07 -8.44 20.91
C TYR C 188 22.98 -7.37 20.81
N TYR C 189 22.40 -7.19 19.63
CA TYR C 189 21.31 -6.25 19.43
C TYR C 189 19.94 -6.89 19.58
N THR C 190 19.82 -7.99 20.31
CA THR C 190 18.50 -8.58 20.51
C THR C 190 17.70 -7.75 21.52
N THR C 191 16.39 -7.99 21.55
CA THR C 191 15.53 -7.08 22.29
C THR C 191 14.58 -7.76 23.27
N GLY C 192 14.43 -9.08 23.20
CA GLY C 192 13.69 -9.74 24.25
C GLY C 192 12.85 -10.88 23.70
N ILE C 193 11.97 -11.39 24.55
CA ILE C 193 11.11 -12.51 24.24
C ILE C 193 9.70 -12.18 24.74
N ILE C 194 8.70 -12.33 23.89
CA ILE C 194 7.31 -12.08 24.25
C ILE C 194 6.58 -13.40 24.34
N THR C 195 6.00 -13.69 25.50
CA THR C 195 5.21 -14.90 25.73
C THR C 195 3.79 -14.52 26.09
N ILE C 196 2.94 -15.54 26.27
CA ILE C 196 1.54 -15.35 26.62
C ILE C 196 1.04 -16.57 27.38
N TRP C 197 0.37 -16.34 28.51
CA TRP C 197 0.04 -17.40 29.45
C TRP C 197 -1.44 -17.37 29.82
N TYR C 198 -1.95 -18.52 30.22
CA TYR C 198 -3.30 -18.63 30.75
C TYR C 198 -3.33 -18.10 32.17
N GLN C 199 -4.02 -16.98 32.38
CA GLN C 199 -4.23 -16.53 33.74
C GLN C 199 -5.25 -17.40 34.45
N THR C 200 -6.40 -17.61 33.82
CA THR C 200 -7.39 -18.57 34.27
C THR C 200 -7.69 -19.52 33.12
N ASN C 201 -8.72 -20.35 33.27
CA ASN C 201 -9.10 -21.23 32.17
C ASN C 201 -10.03 -20.50 31.22
N TYR C 202 -10.27 -21.12 30.08
CA TYR C 202 -11.20 -20.59 29.08
C TYR C 202 -12.54 -21.28 29.27
N VAL C 203 -13.48 -20.58 29.90
CA VAL C 203 -14.71 -21.18 30.40
C VAL C 203 -15.84 -20.92 29.40
N VAL C 204 -16.54 -21.99 29.03
CA VAL C 204 -17.59 -21.91 28.02
C VAL C 204 -18.80 -22.68 28.50
N PRO C 205 -20.01 -22.15 28.25
CA PRO C 205 -21.21 -22.89 28.65
C PRO C 205 -21.60 -23.96 27.65
N ILE C 206 -22.75 -24.59 27.88
CA ILE C 206 -23.20 -25.66 27.00
C ILE C 206 -23.84 -25.06 25.76
N GLY C 207 -23.49 -25.59 24.59
CA GLY C 207 -24.05 -25.12 23.34
C GLY C 207 -23.16 -24.17 22.58
N ALA C 208 -22.09 -23.67 23.18
CA ALA C 208 -21.13 -22.83 22.50
C ALA C 208 -19.83 -23.59 22.31
N PRO C 209 -19.11 -23.39 21.20
CA PRO C 209 -17.95 -24.25 20.91
C PRO C 209 -16.78 -23.97 21.84
N THR C 210 -15.94 -24.98 21.99
CA THR C 210 -14.87 -24.97 22.99
C THR C 210 -13.55 -24.49 22.45
N THR C 211 -13.48 -24.01 21.21
CA THR C 211 -12.23 -23.57 20.62
C THR C 211 -12.43 -22.20 19.98
N ALA C 212 -11.63 -21.23 20.40
CA ALA C 212 -11.67 -19.89 19.82
C ALA C 212 -10.30 -19.57 19.27
N TYR C 213 -10.20 -18.41 18.62
CA TYR C 213 -8.98 -17.98 17.98
C TYR C 213 -8.65 -16.55 18.41
N ILE C 214 -7.40 -16.17 18.27
CA ILE C 214 -6.92 -14.84 18.60
C ILE C 214 -6.06 -14.35 17.45
N VAL C 215 -6.37 -13.16 16.95
CA VAL C 215 -5.54 -12.50 15.94
C VAL C 215 -4.67 -11.47 16.65
N ALA C 216 -3.49 -11.20 16.10
CA ALA C 216 -2.54 -10.30 16.72
C ALA C 216 -2.11 -9.23 15.72
N LEU C 217 -2.15 -7.98 16.14
CA LEU C 217 -1.79 -6.86 15.29
C LEU C 217 -0.58 -6.14 15.89
N ALA C 218 0.25 -5.56 15.03
CA ALA C 218 1.48 -4.91 15.46
C ALA C 218 1.65 -3.57 14.77
N ALA C 219 2.20 -2.60 15.49
CA ALA C 219 2.44 -1.28 14.95
C ALA C 219 3.58 -0.63 15.74
N ALA C 220 3.90 0.61 15.41
CA ALA C 220 4.95 1.35 16.07
C ALA C 220 4.37 2.56 16.80
N GLN C 221 5.11 3.02 17.81
CA GLN C 221 4.71 4.19 18.57
C GLN C 221 5.16 5.45 17.86
N ASP C 222 4.95 6.60 18.49
CA ASP C 222 5.23 7.87 17.85
C ASP C 222 6.69 8.26 17.86
N ASN C 223 7.51 7.69 18.75
CA ASN C 223 8.92 8.01 18.80
C ASN C 223 9.76 7.02 18.00
N PHE C 224 9.19 6.44 16.95
CA PHE C 224 9.90 5.48 16.12
C PHE C 224 10.68 6.22 15.05
N THR C 225 11.87 5.72 14.73
CA THR C 225 12.69 6.32 13.68
C THR C 225 13.63 5.27 13.09
N MET C 226 14.19 5.60 11.93
CA MET C 226 15.07 4.71 11.18
C MET C 226 16.17 5.53 10.52
N LYS C 227 17.19 4.83 10.03
CA LYS C 227 18.32 5.47 9.35
C LYS C 227 19.08 4.45 8.53
N LEU C 228 20.00 4.97 7.70
CA LEU C 228 20.98 4.20 6.91
C LEU C 228 20.28 3.23 5.96
N CYS C 229 19.69 3.81 4.91
CA CYS C 229 18.94 3.03 3.93
C CYS C 229 19.82 2.05 3.17
N LYS C 230 19.32 0.82 3.03
CA LYS C 230 19.96 -0.23 2.26
C LYS C 230 18.87 -0.96 1.50
N ASP C 231 19.24 -2.03 0.79
CA ASP C 231 18.25 -2.79 0.06
C ASP C 231 17.75 -3.98 0.87
N THR C 232 16.57 -4.46 0.49
CA THR C 232 16.03 -5.65 1.13
C THR C 232 16.58 -6.91 0.47
N GLU C 233 16.37 -8.02 1.14
CA GLU C 233 16.76 -9.33 0.61
C GLU C 233 15.56 -10.24 0.42
N ASP C 234 14.34 -9.75 0.66
CA ASP C 234 13.16 -10.57 0.51
C ASP C 234 12.84 -10.81 -0.96
N ILE C 235 13.12 -9.83 -1.82
CA ILE C 235 12.92 -10.00 -3.24
C ILE C 235 14.22 -10.44 -3.89
N GLU C 236 14.11 -11.00 -5.09
CA GLU C 236 15.26 -11.46 -5.85
C GLU C 236 14.96 -11.34 -7.34
N GLN C 237 16.01 -11.52 -8.15
CA GLN C 237 15.84 -11.64 -9.59
C GLN C 237 16.89 -12.64 -10.10
N THR C 238 16.51 -13.92 -10.14
CA THR C 238 17.39 -14.91 -10.73
C THR C 238 17.15 -15.06 -12.22
N ALA C 239 15.94 -15.41 -12.62
CA ALA C 239 15.58 -15.41 -14.02
C ALA C 239 15.27 -13.99 -14.46
N ASN C 240 15.43 -13.73 -15.75
CA ASN C 240 15.14 -12.42 -16.27
C ASN C 240 13.63 -12.21 -16.38
N ILE C 241 13.17 -11.03 -15.98
CA ILE C 241 11.76 -10.70 -16.08
C ILE C 241 11.40 -10.51 -17.55
N GLN C 242 10.33 -11.18 -17.98
CA GLN C 242 9.84 -11.24 -19.36
C GLN C 242 10.88 -11.77 -20.34
N HIS D 13 13.41 35.61 -14.36
CA HIS D 13 13.65 34.50 -13.46
C HIS D 13 13.71 33.23 -14.32
N GLU D 14 12.98 32.18 -13.93
CA GLU D 14 12.95 30.91 -14.67
C GLU D 14 11.51 30.53 -14.88
N ASN D 15 11.20 29.93 -16.03
CA ASN D 15 9.85 29.44 -16.25
C ASN D 15 9.63 28.17 -15.43
N SER D 16 8.97 28.33 -14.29
CA SER D 16 8.83 27.29 -13.28
C SER D 16 8.05 26.09 -13.77
N ASN D 17 8.74 24.97 -13.98
CA ASN D 17 8.14 23.72 -14.43
C ASN D 17 8.82 22.56 -13.71
N SER D 18 8.27 22.18 -12.56
CA SER D 18 8.80 21.06 -11.79
C SER D 18 7.71 20.02 -11.61
N ALA D 19 8.00 19.03 -10.77
CA ALA D 19 6.96 18.09 -10.38
C ALA D 19 6.24 18.53 -9.12
N SER D 20 6.93 19.29 -8.25
CA SER D 20 6.38 19.71 -6.96
C SER D 20 6.39 21.24 -6.91
N GLU D 21 5.26 21.85 -7.27
CA GLU D 21 5.12 23.29 -7.29
C GLU D 21 3.94 23.77 -6.44
N GLY D 22 2.89 22.96 -6.32
CA GLY D 22 1.73 23.38 -5.52
C GLY D 22 2.02 23.34 -4.02
N SER D 23 2.44 22.17 -3.52
CA SER D 23 2.96 22.03 -2.17
C SER D 23 4.37 21.49 -2.29
N THR D 24 5.36 22.32 -2.00
CA THR D 24 6.72 22.08 -2.45
C THR D 24 7.62 21.75 -1.26
N ILE D 25 8.92 21.65 -1.53
CA ILE D 25 9.95 21.29 -0.55
C ILE D 25 10.84 22.51 -0.36
N ASN D 26 11.89 22.35 0.45
CA ASN D 26 12.65 23.47 1.00
C ASN D 26 13.35 24.29 -0.09
N TYR D 27 13.73 25.51 0.29
CA TYR D 27 14.16 26.56 -0.63
C TYR D 27 15.67 26.61 -0.83
N THR D 28 16.36 25.48 -0.76
CA THR D 28 17.81 25.43 -0.89
C THR D 28 18.27 24.81 -2.19
N THR D 29 17.42 24.78 -3.22
CA THR D 29 17.78 24.14 -4.47
C THR D 29 18.67 25.05 -5.31
N ILE D 30 19.62 24.42 -6.01
CA ILE D 30 20.59 25.11 -6.84
C ILE D 30 20.29 24.81 -8.30
N ASN D 31 20.38 25.83 -9.15
CA ASN D 31 20.12 25.67 -10.57
C ASN D 31 20.89 26.71 -11.36
N TYR D 32 21.43 26.29 -12.51
CA TYR D 32 22.18 27.18 -13.39
C TYR D 32 21.52 27.36 -14.74
N TYR D 33 20.51 26.56 -15.06
CA TYR D 33 19.83 26.63 -16.35
C TYR D 33 18.53 27.41 -16.19
N LYS D 34 17.77 27.49 -17.29
CA LYS D 34 16.57 28.31 -17.27
C LYS D 34 15.31 27.52 -16.95
N ASP D 35 15.38 26.19 -16.95
CA ASP D 35 14.22 25.36 -16.64
C ASP D 35 14.33 24.78 -15.24
N ALA D 36 13.23 24.83 -14.49
CA ALA D 36 13.26 24.50 -13.07
C ALA D 36 13.37 23.02 -12.80
N TYR D 37 13.07 22.16 -13.78
CA TYR D 37 13.24 20.73 -13.53
C TYR D 37 14.68 20.27 -13.68
N ALA D 38 15.57 21.15 -14.12
CA ALA D 38 16.99 20.83 -14.13
C ALA D 38 17.63 20.98 -12.76
N ALA D 39 16.93 21.57 -11.80
CA ALA D 39 17.50 21.88 -10.51
C ALA D 39 17.72 20.64 -9.67
N SER D 40 18.45 20.81 -8.58
CA SER D 40 18.76 19.73 -7.67
C SER D 40 17.54 19.38 -6.81
N ALA D 41 17.71 18.34 -5.99
CA ALA D 41 16.64 17.95 -5.07
C ALA D 41 16.64 18.83 -3.83
N GLY D 42 17.80 19.07 -3.26
CA GLY D 42 17.88 19.84 -2.03
C GLY D 42 17.50 19.00 -0.83
N ARG D 43 17.41 19.65 0.32
CA ARG D 43 16.95 19.01 1.53
C ARG D 43 15.44 19.07 1.59
N GLN D 44 14.84 18.15 2.32
CA GLN D 44 13.39 17.95 2.26
C GLN D 44 12.69 18.56 3.45
N ASP D 45 11.37 18.53 3.40
CA ASP D 45 10.55 19.03 4.49
C ASP D 45 10.43 17.98 5.59
N MET D 46 10.11 18.46 6.79
CA MET D 46 9.88 17.59 7.94
C MET D 46 8.40 17.45 8.27
N SER D 47 7.53 17.86 7.35
CA SER D 47 6.11 17.86 7.61
C SER D 47 5.52 16.46 7.43
N GLN D 48 4.58 16.11 8.30
CA GLN D 48 3.88 14.84 8.20
C GLN D 48 2.52 14.97 8.85
N ASP D 49 1.58 14.14 8.39
CA ASP D 49 0.23 14.06 8.94
C ASP D 49 -0.11 12.59 9.14
N PRO D 50 -0.07 12.09 10.37
CA PRO D 50 -0.35 10.66 10.58
C PRO D 50 -1.83 10.34 10.70
N LYS D 51 -2.66 11.28 11.16
CA LYS D 51 -4.01 10.93 11.60
C LYS D 51 -4.98 10.65 10.48
N LYS D 52 -4.62 10.92 9.23
CA LYS D 52 -5.50 10.50 8.14
C LYS D 52 -5.18 9.09 7.67
N PHE D 53 -4.27 8.39 8.33
CA PHE D 53 -4.04 6.98 8.09
C PHE D 53 -4.23 6.11 9.32
N THR D 54 -4.03 6.66 10.52
CA THR D 54 -4.17 5.89 11.74
C THR D 54 -5.49 6.14 12.44
N ASP D 55 -6.19 7.22 12.11
CA ASP D 55 -7.47 7.55 12.73
C ASP D 55 -8.42 8.12 11.68
N PRO D 56 -8.93 7.27 10.79
CA PRO D 56 -9.85 7.77 9.76
C PRO D 56 -11.29 7.64 10.21
N VAL D 57 -11.64 8.18 11.37
CA VAL D 57 -12.90 7.90 12.01
C VAL D 57 -13.67 9.20 12.23
N MET D 58 -14.98 9.17 11.94
CA MET D 58 -15.82 10.36 12.02
C MET D 58 -15.96 10.89 13.44
N ASP D 59 -16.45 10.07 14.37
CA ASP D 59 -16.61 10.50 15.76
C ASP D 59 -15.29 10.31 16.48
N VAL D 60 -14.85 11.33 17.20
CA VAL D 60 -13.50 11.35 17.75
C VAL D 60 -13.42 10.41 18.95
N ILE D 61 -12.36 9.61 18.99
CA ILE D 61 -12.14 8.68 20.09
C ILE D 61 -11.06 9.22 21.00
N HIS D 62 -11.37 9.34 22.29
CA HIS D 62 -10.38 9.73 23.29
C HIS D 62 -9.72 8.48 23.87
N GLU D 63 -8.48 8.65 24.32
CA GLU D 63 -7.70 7.51 24.78
C GLU D 63 -8.12 7.08 26.18
N MET D 64 -8.75 7.97 26.94
CA MET D 64 -9.13 7.62 28.30
C MET D 64 -10.43 6.84 28.36
N ALA D 65 -11.43 7.25 27.60
CA ALA D 65 -12.77 6.68 27.64
C ALA D 65 -12.80 5.30 26.99
N PRO D 66 -13.80 4.48 27.30
CA PRO D 66 -14.05 3.28 26.50
C PRO D 66 -14.48 3.64 25.10
N PRO D 67 -13.90 3.00 24.08
CA PRO D 67 -14.23 3.38 22.70
C PRO D 67 -15.55 2.83 22.20
N LEU D 68 -16.12 1.83 22.86
CA LEU D 68 -17.33 1.15 22.39
C LEU D 68 -18.39 1.17 23.46
N LYS D 69 -18.66 2.34 24.02
CA LYS D 69 -19.73 2.49 24.98
C LYS D 69 -20.63 3.66 24.60
C1 SPH E . 5.23 1.20 -17.46
O1 SPH E . 4.21 0.72 -16.61
C2 SPH E . 5.48 2.68 -17.18
N2 SPH E . 4.67 3.06 -16.04
C3 SPH E . 6.95 2.97 -16.93
O3 SPH E . 7.70 2.48 -18.02
C4 SPH E . 7.21 4.44 -16.74
C5 SPH E . 6.38 5.46 -17.39
C6 SPH E . 6.94 6.84 -17.69
C7 SPH E . 8.22 7.11 -16.90
C8 SPH E . 9.02 8.24 -17.54
C9 SPH E . 9.45 7.89 -18.96
C10 SPH E . 10.61 8.76 -19.42
C11 SPH E . 10.86 8.60 -20.92
C12 SPH E . 11.80 9.69 -21.43
C13 SPH E . 13.25 9.22 -21.38
C14 SPH E . 14.02 9.74 -22.59
C15 SPH E . 15.52 9.50 -22.41
C16 SPH E . 16.32 10.10 -23.57
C17 SPH E . 16.87 11.48 -23.25
C18 SPH E . 17.83 11.95 -24.34
#